data_5XAB
#
_entry.id   5XAB
#
_cell.length_a   71.358
_cell.length_b   71.358
_cell.length_c   586.790
_cell.angle_alpha   90.00
_cell.angle_beta   90.00
_cell.angle_gamma   90.00
#
_symmetry.space_group_name_H-M   'P 41 21 2'
#
loop_
_entity.id
_entity.type
_entity.pdbx_description
1 polymer 'Sarcoplasmic/endoplasmic reticulum calcium ATPase 1'
2 non-polymer 'SODIUM ION'
3 non-polymer 'OCTANOIC ACID [3S-[3ALPHA, 3ABETA, 4ALPHA, 6BETA, 6ABETA, 7BETA, 8ALPHA(Z), 9BALPHA]]-6-(ACETYLOXY)-2,3,-3A,4,5,6,6A,7,8,9B-DECAHYDRO-3,3A-DIHYDROXY-3,6,9-TRIMETHYL-8-[(2-METHYL-1-OXO-2-BUTENYL)OX Y]-2-OXO-4-(1-OXOBUTOXY)-AZULENO[4,5-B]FURAN-7-YL ESTER'
4 non-polymer 1,2-DIOLEOYL-SN-GLYCERO-3-PHOSPHOCHOLINE
5 water water
#
_entity_poly.entity_id   1
_entity_poly.type   'polypeptide(L)'
_entity_poly.pdbx_seq_one_letter_code
;(ACE)MEAAHSKSTEECLAYFGVSETTGLTPDQVKRHLEKYGHNELPAEEGKSLWELVIEQFEDLLVRILLLAACISFVL
AWFEEGEETITAFVEPFVILLILIANAIVGVWQERNAENAIEALKEYEPEMGKVYRADRKSVQRIKARDIVPGDIVEVAV
GDKVPADIRILSIKSTTLRVDQSILTGESVSVIKHTEPVPDPRAVNQDKKNMLFSGTNIAAGKALGIVATTGVSTEIGKI
RDQMAATEQDKTPLQQKLDEFGEQLSKVISLICVAVWLINIGHFNDPVHGGSWIRGAIYYFKIAVALAVAAIPEGLPAVI
TTCLALGTRRMAKKNAIVRSLPSVETLGCTSVICSDKTGTLTTNQMSVCKMFIIDKVDGDFCSLNEFSITGSTYAPEGEV
LKNDKPIRSGQFDGLVELATICALCNDSSLDFNETKGVYEKVGEATETALTTLVEKMNVFNTEVRNLSKVERANACNSVI
RQLMKKEFTLEFSRDRKSMSVYCSPAKSSRAAVGNKMFVKGAPEGVIDRCNYVRVGTTRVPMTGPVKEKILSVIKEWGTG
RDTLRCLALATRDTPPKREEMVLDDSSRFMEYETDLTFVGVVGMLDPPRKEVMGSIQLCRDAGIRVIMITGDNKGTAIAI
CRRIGIFGENEEVADRAYTGREFDDLPLAEQREACRRACCFARVEPSHKSKIVEYLQSYDEITAMTGDGVNDAPALKKAE
IGIAMGSGTAVAKTASEMVLADDNFSTIVAAVEEGRAIYNNMKQFIRYLISSNVGEVVCIFLTAALGLPEALIPVQLLWV
NLVTDGLPATALGFNPPDLDIMDRPPRSPKEPLISGWLFFRYMAIGGYVGAATVGAAAWWFMYAEDGPGVTYHQLTHFMQ
CTEDHPHFEGLDCEIFEAPEPMTMALSVLVTIEMCNALNSLSENQSLMRMPPWVNIWLLGSICLSMSLHFLILYVDPLPM
IFKLKALDLTQWLMVLKISLPVIGLDEILKFIARNYLEG
;
_entity_poly.pdbx_strand_id   A
#
# COMPACT_ATOMS: atom_id res chain seq x y z
N MET A 2 -30.97 -16.30 2.20
CA MET A 2 -30.54 -17.12 1.07
C MET A 2 -29.23 -16.59 0.47
N GLU A 3 -28.17 -17.38 0.56
CA GLU A 3 -26.89 -16.98 -0.02
C GLU A 3 -26.82 -17.37 -1.50
N ALA A 4 -27.70 -18.27 -1.91
CA ALA A 4 -27.75 -18.72 -3.31
C ALA A 4 -29.06 -18.35 -3.97
N ALA A 5 -29.57 -17.16 -3.64
CA ALA A 5 -30.86 -16.70 -4.15
C ALA A 5 -30.81 -16.38 -5.64
N HIS A 6 -29.61 -16.19 -6.17
CA HIS A 6 -29.42 -15.87 -7.58
C HIS A 6 -29.72 -17.07 -8.48
N SER A 7 -29.56 -18.27 -7.91
CA SER A 7 -29.77 -19.49 -8.67
C SER A 7 -31.22 -19.96 -8.54
N LYS A 8 -31.96 -19.33 -7.64
CA LYS A 8 -33.34 -19.69 -7.39
C LYS A 8 -34.28 -18.76 -8.15
N SER A 9 -35.45 -19.28 -8.53
CA SER A 9 -36.44 -18.47 -9.21
C SER A 9 -37.07 -17.49 -8.23
N THR A 10 -37.79 -16.51 -8.76
CA THR A 10 -38.47 -15.53 -7.92
C THR A 10 -39.56 -16.19 -7.07
N GLU A 11 -40.16 -17.25 -7.62
CA GLU A 11 -41.19 -17.98 -6.91
C GLU A 11 -40.61 -18.79 -5.75
N GLU A 12 -39.38 -19.28 -5.93
CA GLU A 12 -38.72 -20.07 -4.90
C GLU A 12 -38.26 -19.22 -3.72
N CYS A 13 -37.83 -18.00 -4.00
CA CYS A 13 -37.37 -17.09 -2.96
C CYS A 13 -38.54 -16.61 -2.10
N LEU A 14 -39.66 -16.32 -2.75
CA LEU A 14 -40.87 -15.94 -2.04
C LEU A 14 -41.40 -17.09 -1.21
N ALA A 15 -41.26 -18.30 -1.73
CA ALA A 15 -41.71 -19.50 -1.04
C ALA A 15 -40.85 -19.80 0.18
N TYR A 16 -39.54 -19.55 0.05
CA TYR A 16 -38.59 -19.82 1.12
C TYR A 16 -38.95 -19.09 2.41
N PHE A 17 -39.09 -17.78 2.32
CA PHE A 17 -39.39 -16.96 3.49
C PHE A 17 -40.87 -16.97 3.83
N GLY A 18 -41.70 -17.41 2.89
CA GLY A 18 -43.14 -17.39 3.07
C GLY A 18 -43.64 -15.96 3.14
N VAL A 19 -43.37 -15.20 2.08
CA VAL A 19 -43.75 -13.80 2.01
C VAL A 19 -44.52 -13.53 0.72
N SER A 20 -45.54 -12.69 0.80
CA SER A 20 -46.29 -12.29 -0.39
C SER A 20 -45.66 -11.05 -1.01
N GLU A 21 -45.39 -11.12 -2.31
CA GLU A 21 -44.75 -10.03 -3.03
C GLU A 21 -45.60 -8.76 -3.02
N THR A 22 -46.92 -8.94 -2.96
CA THR A 22 -47.85 -7.82 -3.03
C THR A 22 -48.02 -7.13 -1.68
N THR A 23 -48.03 -7.90 -0.60
CA THR A 23 -48.24 -7.35 0.73
C THR A 23 -46.92 -7.16 1.48
N GLY A 24 -46.08 -8.18 1.46
CA GLY A 24 -44.81 -8.13 2.17
C GLY A 24 -44.85 -8.89 3.47
N LEU A 25 -43.81 -8.72 4.30
CA LEU A 25 -43.72 -9.42 5.57
C LEU A 25 -44.74 -8.93 6.57
N THR A 26 -45.33 -9.86 7.31
CA THR A 26 -46.23 -9.53 8.40
C THR A 26 -45.41 -9.07 9.60
N PRO A 27 -46.02 -8.27 10.50
CA PRO A 27 -45.31 -7.77 11.68
C PRO A 27 -44.68 -8.88 12.52
N ASP A 28 -45.31 -10.04 12.56
CA ASP A 28 -44.76 -11.19 13.27
C ASP A 28 -43.52 -11.71 12.55
N GLN A 29 -43.59 -11.76 11.22
CA GLN A 29 -42.46 -12.18 10.40
C GLN A 29 -41.27 -11.25 10.58
N VAL A 30 -41.53 -9.95 10.64
CA VAL A 30 -40.50 -8.96 10.85
C VAL A 30 -39.80 -9.20 12.19
N LYS A 31 -40.59 -9.48 13.22
CA LYS A 31 -40.05 -9.81 14.53
C LYS A 31 -39.17 -11.04 14.49
N ARG A 32 -39.71 -12.12 13.95
CA ARG A 32 -39.01 -13.40 13.88
C ARG A 32 -37.74 -13.34 13.03
N HIS A 33 -37.82 -12.63 11.91
CA HIS A 33 -36.67 -12.52 11.01
C HIS A 33 -35.59 -11.63 11.60
N LEU A 34 -36.00 -10.60 12.34
CA LEU A 34 -35.05 -9.70 12.99
C LEU A 34 -34.28 -10.45 14.08
N GLU A 35 -35.00 -11.20 14.89
CA GLU A 35 -34.40 -11.96 15.98
C GLU A 35 -33.47 -13.05 15.44
N LYS A 36 -33.81 -13.59 14.28
CA LYS A 36 -33.05 -14.70 13.71
C LYS A 36 -31.78 -14.24 12.99
N TYR A 37 -31.92 -13.21 12.16
CA TYR A 37 -30.81 -12.76 11.32
C TYR A 37 -30.11 -11.52 11.88
N GLY A 38 -30.70 -10.91 12.90
CA GLY A 38 -30.15 -9.70 13.47
C GLY A 38 -30.50 -8.50 12.61
N HIS A 39 -29.90 -7.35 12.93
CA HIS A 39 -30.14 -6.14 12.17
C HIS A 39 -29.24 -6.08 10.93
N ASN A 40 -29.71 -5.36 9.91
CA ASN A 40 -28.95 -5.21 8.67
C ASN A 40 -27.84 -4.17 8.82
N GLU A 41 -26.75 -4.57 9.46
CA GLU A 41 -25.65 -3.64 9.72
C GLU A 41 -24.36 -4.38 10.06
N LEU A 42 -23.25 -3.82 9.60
CA LEU A 42 -21.94 -4.31 10.00
C LEU A 42 -21.71 -3.94 11.47
N PRO A 43 -21.12 -4.87 12.25
CA PRO A 43 -20.93 -4.64 13.68
C PRO A 43 -20.07 -3.41 13.97
N ALA A 44 -20.37 -2.72 15.06
CA ALA A 44 -19.63 -1.52 15.44
C ALA A 44 -18.21 -1.86 15.87
N GLU A 45 -17.27 -0.97 15.55
CA GLU A 45 -15.87 -1.17 15.91
C GLU A 45 -15.68 -1.06 17.42
N GLU A 46 -14.56 -1.60 17.91
CA GLU A 46 -14.24 -1.56 19.32
C GLU A 46 -13.96 -0.14 19.79
N GLY A 47 -14.91 0.44 20.51
CA GLY A 47 -14.79 1.80 20.99
C GLY A 47 -13.68 1.95 22.02
N LYS A 48 -12.45 2.06 21.53
CA LYS A 48 -11.29 2.23 22.40
C LYS A 48 -11.37 3.56 23.14
N SER A 49 -11.55 3.50 24.46
CA SER A 49 -11.71 4.70 25.26
C SER A 49 -10.40 5.46 25.41
N LEU A 50 -10.48 6.69 25.88
CA LEU A 50 -9.31 7.55 26.06
C LEU A 50 -8.37 6.97 27.12
N TRP A 51 -8.95 6.49 28.23
CA TRP A 51 -8.17 5.89 29.30
C TRP A 51 -7.45 4.63 28.82
N GLU A 52 -8.17 3.78 28.10
CA GLU A 52 -7.59 2.56 27.56
C GLU A 52 -6.50 2.87 26.53
N LEU A 53 -6.61 4.03 25.89
CA LEU A 53 -5.64 4.45 24.90
C LEU A 53 -4.36 4.94 25.56
N VAL A 54 -4.51 5.64 26.69
CA VAL A 54 -3.36 6.14 27.44
C VAL A 54 -2.55 4.98 28.02
N ILE A 55 -3.26 3.97 28.52
CA ILE A 55 -2.64 2.78 29.10
C ILE A 55 -1.75 2.06 28.09
N GLU A 56 -2.21 1.99 26.85
CA GLU A 56 -1.47 1.33 25.78
C GLU A 56 -0.12 1.96 25.53
N GLN A 57 0.01 3.25 25.88
CA GLN A 57 1.27 3.96 25.72
C GLN A 57 2.29 3.54 26.78
N PHE A 58 1.80 2.88 27.82
CA PHE A 58 2.66 2.39 28.89
C PHE A 58 2.73 0.86 28.89
N GLU A 59 2.51 0.26 27.73
CA GLU A 59 2.58 -1.20 27.61
C GLU A 59 3.92 -1.65 27.06
N ASP A 60 4.62 -0.75 26.38
CA ASP A 60 5.96 -1.02 25.87
C ASP A 60 6.90 -1.30 27.04
N LEU A 61 7.85 -2.20 26.83
CA LEU A 61 8.76 -2.60 27.90
C LEU A 61 9.66 -1.44 28.32
N LEU A 62 10.22 -0.72 27.34
CA LEU A 62 11.16 0.35 27.63
C LEU A 62 10.50 1.53 28.34
N VAL A 63 9.25 1.82 27.99
CA VAL A 63 8.55 2.93 28.62
C VAL A 63 8.06 2.55 30.01
N ARG A 64 8.00 1.26 30.28
CA ARG A 64 7.68 0.79 31.62
C ARG A 64 8.92 0.87 32.51
N ILE A 65 10.10 0.62 31.92
CA ILE A 65 11.36 0.75 32.63
C ILE A 65 11.60 2.22 32.98
N LEU A 66 11.31 3.10 32.04
CA LEU A 66 11.41 4.54 32.27
C LEU A 66 10.40 4.98 33.33
N LEU A 67 9.23 4.36 33.32
CA LEU A 67 8.20 4.65 34.31
C LEU A 67 8.66 4.25 35.71
N LEU A 68 9.32 3.10 35.80
CA LEU A 68 9.86 2.63 37.06
C LEU A 68 11.01 3.50 37.52
N ALA A 69 11.84 3.92 36.57
CA ALA A 69 12.98 4.78 36.87
C ALA A 69 12.53 6.19 37.25
N ALA A 70 11.32 6.54 36.87
CA ALA A 70 10.73 7.83 37.25
C ALA A 70 10.27 7.79 38.70
N CYS A 71 9.80 6.61 39.13
CA CYS A 71 9.31 6.44 40.49
C CYS A 71 10.44 6.50 41.50
N ILE A 72 11.51 5.74 41.24
CA ILE A 72 12.68 5.74 42.12
C ILE A 72 13.26 7.14 42.22
N SER A 73 13.33 7.83 41.08
CA SER A 73 13.82 9.20 41.03
C SER A 73 12.95 10.13 41.87
N PHE A 74 11.64 9.88 41.83
CA PHE A 74 10.69 10.68 42.59
C PHE A 74 10.85 10.44 44.09
N VAL A 75 11.03 9.17 44.47
CA VAL A 75 11.22 8.81 45.86
C VAL A 75 12.54 9.35 46.39
N LEU A 76 13.59 9.22 45.59
CA LEU A 76 14.91 9.71 45.97
C LEU A 76 14.93 11.24 46.06
N ALA A 77 14.11 11.89 45.24
CA ALA A 77 13.99 13.34 45.27
C ALA A 77 13.18 13.78 46.48
N TRP A 78 12.48 12.83 47.09
CA TRP A 78 11.67 13.09 48.28
C TRP A 78 12.48 12.86 49.55
N PHE A 79 12.86 11.61 49.78
CA PHE A 79 13.63 11.25 50.97
C PHE A 79 15.09 11.68 50.82
N GLU A 80 15.37 12.94 51.15
CA GLU A 80 16.71 13.48 51.04
C GLU A 80 16.92 14.63 52.03
N GLU A 81 18.16 14.80 52.47
CA GLU A 81 18.49 15.87 53.41
C GLU A 81 19.14 17.06 52.70
N GLY A 82 18.53 18.23 52.84
CA GLY A 82 19.04 19.44 52.23
C GLY A 82 17.97 20.48 51.99
N GLU A 83 18.37 21.65 51.50
CA GLU A 83 17.44 22.73 51.22
C GLU A 83 17.42 23.12 49.75
N GLU A 84 18.36 22.56 48.99
CA GLU A 84 18.44 22.85 47.56
C GLU A 84 17.59 21.88 46.75
N THR A 85 16.28 22.12 46.74
CA THR A 85 15.35 21.27 46.01
C THR A 85 15.05 21.81 44.62
N ILE A 86 15.77 22.87 44.24
CA ILE A 86 15.59 23.49 42.94
C ILE A 86 16.18 22.60 41.84
N THR A 87 17.01 21.65 42.24
CA THR A 87 17.62 20.71 41.32
C THR A 87 17.45 19.27 41.80
N ALA A 88 16.36 19.03 42.53
CA ALA A 88 16.10 17.70 43.07
C ALA A 88 14.94 17.02 42.35
N PHE A 89 13.81 17.70 42.26
CA PHE A 89 12.62 17.14 41.61
C PHE A 89 12.61 17.42 40.12
N VAL A 90 13.72 17.97 39.60
CA VAL A 90 13.85 18.21 38.18
C VAL A 90 13.97 16.90 37.42
N GLU A 91 14.87 16.04 37.89
CA GLU A 91 15.13 14.75 37.27
C GLU A 91 13.88 13.87 37.12
N PRO A 92 13.12 13.65 38.21
CA PRO A 92 11.95 12.78 38.01
C PRO A 92 10.85 13.43 37.18
N PHE A 93 10.85 14.75 37.10
CA PHE A 93 9.83 15.47 36.33
C PHE A 93 10.07 15.37 34.83
N VAL A 94 11.33 15.46 34.43
CA VAL A 94 11.69 15.38 33.01
C VAL A 94 11.34 14.01 32.44
N ILE A 95 11.67 12.96 33.20
CA ILE A 95 11.36 11.59 32.80
C ILE A 95 9.85 11.42 32.61
N LEU A 96 9.08 11.96 33.54
CA LEU A 96 7.63 11.90 33.47
C LEU A 96 7.11 12.68 32.26
N LEU A 97 7.73 13.82 31.98
CA LEU A 97 7.34 14.66 30.87
C LEU A 97 7.46 13.92 29.54
N ILE A 98 8.55 13.18 29.38
CA ILE A 98 8.78 12.41 28.17
C ILE A 98 7.70 11.33 28.01
N LEU A 99 7.39 10.65 29.10
CA LEU A 99 6.37 9.61 29.10
C LEU A 99 5.01 10.19 28.71
N ILE A 100 4.69 11.36 29.28
CA ILE A 100 3.45 12.05 28.97
C ILE A 100 3.43 12.49 27.51
N ALA A 101 4.49 13.16 27.08
CA ALA A 101 4.63 13.58 25.70
C ALA A 101 4.55 12.39 24.74
N ASN A 102 5.15 11.28 25.15
CA ASN A 102 5.07 10.04 24.40
C ASN A 102 3.64 9.51 24.37
N ALA A 103 2.93 9.70 25.47
CA ALA A 103 1.54 9.25 25.57
C ALA A 103 0.62 10.15 24.74
N ILE A 104 0.95 11.43 24.68
CA ILE A 104 0.16 12.39 23.90
C ILE A 104 0.19 12.04 22.42
N VAL A 105 1.37 11.73 21.91
CA VAL A 105 1.54 11.36 20.51
C VAL A 105 0.74 10.11 20.14
N GLY A 106 0.84 9.10 20.98
CA GLY A 106 0.14 7.84 20.75
C GLY A 106 -1.36 8.00 20.68
N VAL A 107 -1.89 8.97 21.41
CA VAL A 107 -3.32 9.26 21.39
C VAL A 107 -3.69 10.06 20.14
N TRP A 108 -2.79 10.96 19.74
CA TRP A 108 -3.00 11.80 18.57
C TRP A 108 -3.09 11.00 17.27
N GLN A 109 -2.43 9.84 17.25
CA GLN A 109 -2.44 8.99 16.08
C GLN A 109 -3.76 8.26 15.91
N GLU A 110 -4.22 7.60 16.97
CA GLU A 110 -5.48 6.87 16.97
C GLU A 110 -6.66 7.80 16.71
N ARG A 111 -6.49 9.07 17.05
CA ARG A 111 -7.52 10.07 16.84
C ARG A 111 -7.69 10.37 15.35
N ASN A 112 -6.59 10.27 14.61
CA ASN A 112 -6.59 10.61 13.19
C ASN A 112 -6.58 9.39 12.28
N ALA A 113 -6.36 8.21 12.86
CA ALA A 113 -6.30 6.98 12.08
C ALA A 113 -7.70 6.46 11.76
N GLU A 114 -7.89 6.05 10.50
CA GLU A 114 -9.15 5.49 10.06
C GLU A 114 -8.95 4.14 9.38
N ASN A 115 -9.59 3.10 9.90
CA ASN A 115 -9.51 1.78 9.31
C ASN A 115 -10.50 1.61 8.16
N ALA A 116 -10.23 0.66 7.28
CA ALA A 116 -11.04 0.47 6.09
C ALA A 116 -12.36 -0.23 6.40
N ILE A 117 -12.41 -0.93 7.52
CA ILE A 117 -13.63 -1.62 7.94
C ILE A 117 -14.75 -0.60 8.21
N GLU A 118 -14.37 0.53 8.80
CA GLU A 118 -15.33 1.60 9.05
C GLU A 118 -15.62 2.39 7.77
N ALA A 119 -14.73 2.29 6.80
CA ALA A 119 -14.92 2.96 5.52
C ALA A 119 -15.99 2.26 4.70
N LEU A 120 -16.26 1.01 5.04
CA LEU A 120 -17.31 0.23 4.38
C LEU A 120 -18.69 0.71 4.78
N LYS A 121 -18.78 1.34 5.95
CA LYS A 121 -20.04 1.84 6.46
C LYS A 121 -20.45 3.14 5.76
N GLU A 122 -19.57 3.62 4.90
CA GLU A 122 -19.89 4.75 4.04
C GLU A 122 -20.88 4.31 2.97
N TYR A 123 -20.91 3.00 2.72
CA TYR A 123 -21.71 2.45 1.63
C TYR A 123 -23.05 1.87 2.10
N GLU A 124 -23.32 1.95 3.39
CA GLU A 124 -24.63 1.55 3.89
C GLU A 124 -25.49 2.79 4.13
N PRO A 125 -26.56 2.94 3.34
CA PRO A 125 -27.45 4.10 3.43
C PRO A 125 -28.23 4.13 4.74
N GLU A 126 -28.73 5.31 5.11
CA GLU A 126 -29.48 5.45 6.35
C GLU A 126 -30.87 4.84 6.22
N MET A 127 -31.52 5.09 5.09
CA MET A 127 -32.90 4.69 4.90
C MET A 127 -33.07 3.67 3.78
N GLY A 128 -34.21 2.98 3.80
CA GLY A 128 -34.55 2.00 2.78
C GLY A 128 -36.05 1.87 2.66
N LYS A 129 -36.53 1.58 1.45
CA LYS A 129 -37.96 1.50 1.20
C LYS A 129 -38.44 0.06 1.11
N VAL A 130 -39.44 -0.28 1.93
CA VAL A 130 -39.97 -1.63 1.96
C VAL A 130 -41.49 -1.66 1.83
N TYR A 131 -42.02 -2.83 1.50
CA TYR A 131 -43.45 -3.08 1.51
C TYR A 131 -43.76 -4.15 2.55
N ARG A 132 -44.48 -3.77 3.61
CA ARG A 132 -44.87 -4.72 4.64
C ARG A 132 -46.39 -4.77 4.76
N ALA A 133 -46.90 -5.89 5.26
CA ALA A 133 -48.33 -6.16 5.26
C ALA A 133 -49.14 -5.19 6.12
N ASP A 134 -48.47 -4.46 7.01
CA ASP A 134 -49.16 -3.56 7.93
C ASP A 134 -49.52 -2.22 7.26
N ARG A 135 -49.11 -2.06 6.01
CA ARG A 135 -49.45 -0.85 5.26
C ARG A 135 -49.62 -1.15 3.76
N LYS A 136 -50.45 -0.33 3.11
CA LYS A 136 -50.68 -0.47 1.67
C LYS A 136 -49.55 0.15 0.86
N SER A 137 -49.23 1.41 1.16
CA SER A 137 -48.19 2.12 0.43
C SER A 137 -46.80 1.75 0.93
N VAL A 138 -45.77 2.22 0.22
CA VAL A 138 -44.39 1.96 0.59
C VAL A 138 -44.01 2.79 1.80
N GLN A 139 -43.23 2.20 2.71
CA GLN A 139 -42.78 2.90 3.90
C GLN A 139 -41.26 2.88 4.01
N ARG A 140 -40.66 4.07 4.07
CA ARG A 140 -39.22 4.18 4.18
C ARG A 140 -38.77 4.07 5.64
N ILE A 141 -38.02 3.02 5.93
CA ILE A 141 -37.55 2.78 7.29
C ILE A 141 -36.03 2.80 7.35
N LYS A 142 -35.47 2.67 8.55
CA LYS A 142 -34.03 2.60 8.71
C LYS A 142 -33.50 1.31 8.09
N ALA A 143 -32.41 1.42 7.33
CA ALA A 143 -31.87 0.29 6.59
C ALA A 143 -31.45 -0.86 7.51
N ARG A 144 -31.11 -0.54 8.76
CA ARG A 144 -30.68 -1.54 9.72
C ARG A 144 -31.85 -2.39 10.19
N ASP A 145 -33.07 -1.87 10.02
CA ASP A 145 -34.28 -2.58 10.45
C ASP A 145 -34.79 -3.51 9.36
N ILE A 146 -34.12 -3.48 8.21
CA ILE A 146 -34.48 -4.36 7.09
C ILE A 146 -33.98 -5.77 7.37
N VAL A 147 -34.82 -6.77 7.09
CA VAL A 147 -34.51 -8.16 7.37
C VAL A 147 -34.64 -9.02 6.12
N PRO A 148 -33.96 -10.16 6.08
CA PRO A 148 -34.14 -11.10 4.96
C PRO A 148 -35.60 -11.51 4.79
N GLY A 149 -36.09 -11.49 3.56
CA GLY A 149 -37.48 -11.80 3.29
C GLY A 149 -38.32 -10.56 3.06
N ASP A 150 -37.77 -9.41 3.42
CA ASP A 150 -38.45 -8.14 3.21
C ASP A 150 -38.60 -7.83 1.72
N ILE A 151 -39.75 -7.27 1.36
CA ILE A 151 -39.97 -6.81 -0.01
C ILE A 151 -39.52 -5.36 -0.12
N VAL A 152 -38.44 -5.13 -0.87
CA VAL A 152 -37.86 -3.80 -0.98
C VAL A 152 -38.05 -3.19 -2.35
N GLU A 153 -38.04 -1.86 -2.39
CA GLU A 153 -38.17 -1.13 -3.64
C GLU A 153 -37.03 -0.12 -3.78
N VAL A 154 -36.40 -0.10 -4.94
CA VAL A 154 -35.33 0.85 -5.22
C VAL A 154 -35.60 1.60 -6.52
N ALA A 155 -35.02 2.79 -6.63
CA ALA A 155 -35.15 3.60 -7.83
C ALA A 155 -33.84 4.33 -8.10
N VAL A 156 -33.78 5.07 -9.19
CA VAL A 156 -32.57 5.80 -9.56
C VAL A 156 -32.13 6.73 -8.44
N GLY A 157 -30.85 6.66 -8.10
CA GLY A 157 -30.29 7.50 -7.04
C GLY A 157 -30.18 6.78 -5.71
N ASP A 158 -31.02 5.78 -5.50
CA ASP A 158 -31.02 5.02 -4.25
C ASP A 158 -29.74 4.21 -4.08
N LYS A 159 -29.27 4.14 -2.83
CA LYS A 159 -28.17 3.26 -2.48
C LYS A 159 -28.76 1.96 -1.96
N VAL A 160 -28.37 0.84 -2.57
CA VAL A 160 -28.94 -0.45 -2.24
C VAL A 160 -28.66 -0.85 -0.79
N PRO A 161 -29.73 -1.03 0.01
CA PRO A 161 -29.65 -1.27 1.46
C PRO A 161 -29.18 -2.67 1.86
N ALA A 162 -29.50 -3.68 1.05
CA ALA A 162 -29.10 -5.05 1.36
C ALA A 162 -28.90 -5.86 0.08
N ASP A 163 -28.40 -7.08 0.22
CA ASP A 163 -28.30 -7.98 -0.93
C ASP A 163 -29.69 -8.46 -1.32
N ILE A 164 -30.13 -8.06 -2.51
CA ILE A 164 -31.52 -8.24 -2.91
C ILE A 164 -31.68 -9.06 -4.19
N ARG A 165 -32.55 -10.07 -4.12
CA ARG A 165 -32.96 -10.82 -5.30
C ARG A 165 -34.10 -10.07 -6.01
N ILE A 166 -33.85 -9.62 -7.23
CA ILE A 166 -34.83 -8.86 -7.98
C ILE A 166 -36.05 -9.69 -8.33
N LEU A 167 -37.24 -9.17 -8.01
CA LEU A 167 -38.48 -9.85 -8.29
C LEU A 167 -39.13 -9.32 -9.56
N SER A 168 -39.29 -8.00 -9.63
CA SER A 168 -39.93 -7.37 -10.79
C SER A 168 -39.31 -6.02 -11.10
N ILE A 169 -38.97 -5.81 -12.37
CA ILE A 169 -38.44 -4.52 -12.81
C ILE A 169 -39.57 -3.67 -13.38
N LYS A 170 -39.95 -2.64 -12.63
CA LYS A 170 -41.11 -1.82 -12.97
C LYS A 170 -40.83 -0.89 -14.14
N SER A 171 -39.60 -0.37 -14.22
CA SER A 171 -39.22 0.49 -15.33
C SER A 171 -38.91 -0.32 -16.58
N THR A 172 -38.50 0.36 -17.64
CA THR A 172 -38.15 -0.31 -18.89
C THR A 172 -36.91 -1.17 -18.71
N THR A 173 -35.85 -0.55 -18.20
CA THR A 173 -34.60 -1.25 -17.91
C THR A 173 -34.09 -0.85 -16.53
N LEU A 174 -33.15 -1.62 -16.00
CA LEU A 174 -32.57 -1.33 -14.70
C LEU A 174 -31.05 -1.33 -14.75
N ARG A 175 -30.46 -0.15 -14.59
CA ARG A 175 -29.01 -0.02 -14.57
C ARG A 175 -28.51 0.19 -13.14
N VAL A 176 -27.45 -0.53 -12.79
CA VAL A 176 -26.89 -0.45 -11.45
C VAL A 176 -25.40 -0.13 -11.50
N ASP A 177 -24.99 0.83 -10.68
CA ASP A 177 -23.58 1.20 -10.57
C ASP A 177 -22.88 0.33 -9.52
N GLN A 178 -22.24 -0.73 -9.97
CA GLN A 178 -21.50 -1.61 -9.08
C GLN A 178 -20.02 -1.24 -9.06
N SER A 179 -19.75 0.06 -9.02
CA SER A 179 -18.39 0.56 -9.11
C SER A 179 -17.62 0.37 -7.80
N ILE A 180 -18.33 0.32 -6.68
CA ILE A 180 -17.66 0.16 -5.39
C ILE A 180 -17.08 -1.24 -5.25
N LEU A 181 -17.62 -2.20 -6.02
CA LEU A 181 -17.10 -3.56 -6.02
C LEU A 181 -15.84 -3.63 -6.88
N THR A 182 -15.97 -3.22 -8.13
CA THR A 182 -14.85 -3.27 -9.07
C THR A 182 -14.22 -1.89 -9.26
N GLY A 183 -13.93 -1.55 -10.51
CA GLY A 183 -13.38 -0.25 -10.84
C GLY A 183 -14.14 0.38 -11.98
N GLU A 184 -14.62 -0.46 -12.90
CA GLU A 184 -15.41 0.00 -14.03
C GLU A 184 -16.75 0.57 -13.56
N SER A 185 -16.88 1.89 -13.65
CA SER A 185 -18.09 2.58 -13.22
C SER A 185 -19.21 2.40 -14.24
N VAL A 186 -18.94 1.64 -15.29
CA VAL A 186 -19.92 1.37 -16.34
C VAL A 186 -21.11 0.59 -15.78
N SER A 187 -22.26 1.25 -15.72
CA SER A 187 -23.47 0.64 -15.17
C SER A 187 -23.83 -0.66 -15.90
N VAL A 188 -24.27 -1.65 -15.14
CA VAL A 188 -24.64 -2.94 -15.69
C VAL A 188 -26.16 -3.11 -15.70
N ILE A 189 -26.65 -3.93 -16.62
CA ILE A 189 -28.09 -4.16 -16.77
C ILE A 189 -28.50 -5.40 -15.99
N LYS A 190 -29.61 -5.30 -15.26
CA LYS A 190 -30.12 -6.41 -14.47
C LYS A 190 -31.37 -7.05 -15.09
N HIS A 191 -31.66 -8.27 -14.68
CA HIS A 191 -32.86 -8.97 -15.11
C HIS A 191 -33.46 -9.76 -13.94
N THR A 192 -34.54 -10.49 -14.18
CA THR A 192 -35.22 -11.19 -13.10
C THR A 192 -35.08 -12.72 -13.21
N GLU A 193 -34.63 -13.20 -14.35
CA GLU A 193 -34.45 -14.63 -14.57
C GLU A 193 -33.34 -15.19 -13.69
N PRO A 194 -33.48 -16.44 -13.24
CA PRO A 194 -32.50 -17.07 -12.35
C PRO A 194 -31.19 -17.42 -13.04
N VAL A 195 -30.08 -17.33 -12.29
CA VAL A 195 -28.76 -17.67 -12.80
C VAL A 195 -28.38 -19.08 -12.36
N PRO A 196 -28.36 -20.03 -13.31
CA PRO A 196 -28.23 -21.48 -13.08
C PRO A 196 -27.07 -21.89 -12.15
N ASP A 197 -25.89 -21.29 -12.30
CA ASP A 197 -24.73 -21.67 -11.52
C ASP A 197 -24.81 -21.19 -10.08
N PRO A 198 -24.84 -22.13 -9.12
CA PRO A 198 -24.89 -21.78 -7.70
C PRO A 198 -23.59 -21.12 -7.22
N ARG A 199 -22.48 -21.49 -7.87
CA ARG A 199 -21.18 -20.94 -7.52
C ARG A 199 -20.76 -19.83 -8.49
N ALA A 200 -21.74 -19.06 -8.93
CA ALA A 200 -21.48 -17.95 -9.84
C ALA A 200 -20.88 -16.76 -9.11
N VAL A 201 -19.96 -16.07 -9.78
CA VAL A 201 -19.37 -14.85 -9.22
C VAL A 201 -20.38 -13.70 -9.32
N ASN A 202 -20.16 -12.67 -8.51
CA ASN A 202 -21.09 -11.55 -8.43
C ASN A 202 -21.29 -10.84 -9.76
N GLN A 203 -20.25 -10.83 -10.59
CA GLN A 203 -20.32 -10.18 -11.90
C GLN A 203 -21.38 -10.83 -12.78
N ASP A 204 -21.57 -12.14 -12.60
CA ASP A 204 -22.50 -12.89 -13.43
C ASP A 204 -23.87 -13.04 -12.78
N LYS A 205 -24.00 -12.59 -11.54
CA LYS A 205 -25.30 -12.56 -10.88
C LYS A 205 -26.12 -11.38 -11.40
N LYS A 206 -26.70 -11.56 -12.58
CA LYS A 206 -27.38 -10.46 -13.26
C LYS A 206 -28.78 -10.19 -12.71
N ASN A 207 -29.16 -10.92 -11.66
CA ASN A 207 -30.48 -10.73 -11.05
C ASN A 207 -30.38 -10.30 -9.60
N MET A 208 -29.21 -9.85 -9.19
CA MET A 208 -28.99 -9.46 -7.80
C MET A 208 -28.62 -7.99 -7.66
N LEU A 209 -29.03 -7.39 -6.55
CA LEU A 209 -28.59 -6.06 -6.18
C LEU A 209 -27.73 -6.17 -4.93
N PHE A 210 -26.55 -5.58 -4.97
CA PHE A 210 -25.62 -5.70 -3.85
C PHE A 210 -25.65 -4.47 -2.95
N SER A 211 -25.67 -4.71 -1.65
CA SER A 211 -25.66 -3.65 -0.65
C SER A 211 -24.46 -2.73 -0.85
N GLY A 212 -24.73 -1.45 -1.09
CA GLY A 212 -23.67 -0.48 -1.26
C GLY A 212 -23.60 0.11 -2.66
N THR A 213 -24.18 -0.60 -3.62
CA THR A 213 -24.17 -0.14 -5.00
C THR A 213 -25.31 0.85 -5.23
N ASN A 214 -25.28 1.55 -6.36
CA ASN A 214 -26.28 2.56 -6.66
C ASN A 214 -27.09 2.23 -7.90
N ILE A 215 -28.36 2.62 -7.90
CA ILE A 215 -29.21 2.43 -9.07
C ILE A 215 -28.99 3.56 -10.06
N ALA A 216 -28.21 3.27 -11.10
CA ALA A 216 -27.87 4.27 -12.11
C ALA A 216 -29.10 4.72 -12.88
N ALA A 217 -30.02 3.80 -13.12
CA ALA A 217 -31.25 4.09 -13.85
C ALA A 217 -32.31 3.02 -13.62
N GLY A 218 -33.57 3.43 -13.58
CA GLY A 218 -34.66 2.50 -13.47
C GLY A 218 -35.30 2.42 -12.10
N LYS A 219 -36.21 1.46 -11.95
CA LYS A 219 -36.90 1.22 -10.69
C LYS A 219 -37.37 -0.23 -10.66
N ALA A 220 -37.08 -0.93 -9.56
CA ALA A 220 -37.43 -2.34 -9.49
C ALA A 220 -37.84 -2.77 -8.09
N LEU A 221 -38.47 -3.93 -8.01
CA LEU A 221 -38.90 -4.52 -6.76
C LEU A 221 -38.17 -5.84 -6.52
N GLY A 222 -37.78 -6.10 -5.28
CA GLY A 222 -37.05 -7.31 -4.97
C GLY A 222 -37.26 -7.81 -3.56
N ILE A 223 -36.73 -9.00 -3.27
CA ILE A 223 -36.82 -9.58 -1.94
C ILE A 223 -35.42 -9.70 -1.35
N VAL A 224 -35.27 -9.30 -0.10
CA VAL A 224 -33.97 -9.30 0.56
C VAL A 224 -33.45 -10.72 0.78
N ALA A 225 -32.29 -11.02 0.19
CA ALA A 225 -31.68 -12.34 0.32
C ALA A 225 -30.87 -12.45 1.60
N THR A 226 -29.91 -11.55 1.78
CA THR A 226 -29.06 -11.53 2.96
C THR A 226 -28.88 -10.12 3.50
N THR A 227 -28.47 -10.01 4.76
CA THR A 227 -28.20 -8.72 5.38
C THR A 227 -26.92 -8.76 6.20
N GLY A 228 -26.55 -7.62 6.77
CA GLY A 228 -25.41 -7.53 7.67
C GLY A 228 -24.10 -8.04 7.10
N VAL A 229 -23.48 -8.96 7.85
CA VAL A 229 -22.20 -9.53 7.45
C VAL A 229 -22.37 -10.60 6.37
N SER A 230 -23.60 -11.01 6.13
CA SER A 230 -23.88 -12.07 5.16
C SER A 230 -23.94 -11.55 3.73
N THR A 231 -23.94 -10.23 3.58
CA THR A 231 -23.91 -9.62 2.26
C THR A 231 -22.54 -9.74 1.64
N GLU A 232 -22.44 -9.48 0.34
CA GLU A 232 -21.17 -9.56 -0.37
C GLU A 232 -20.14 -8.59 0.22
N ILE A 233 -20.61 -7.41 0.61
CA ILE A 233 -19.74 -6.41 1.21
C ILE A 233 -19.49 -6.74 2.68
N GLY A 234 -20.42 -7.47 3.29
CA GLY A 234 -20.26 -7.89 4.67
C GLY A 234 -19.31 -9.06 4.77
N LYS A 235 -19.37 -9.94 3.79
CA LYS A 235 -18.45 -11.08 3.72
C LYS A 235 -17.02 -10.60 3.52
N ILE A 236 -16.87 -9.45 2.88
CA ILE A 236 -15.56 -8.85 2.68
C ILE A 236 -15.06 -8.20 3.98
N ARG A 237 -15.97 -7.56 4.71
CA ARG A 237 -15.65 -6.97 6.00
C ARG A 237 -15.10 -8.02 6.96
N ASP A 238 -15.72 -9.21 6.95
CA ASP A 238 -15.31 -10.30 7.83
C ASP A 238 -13.92 -10.82 7.45
N GLN A 239 -13.60 -10.82 6.16
CA GLN A 239 -12.30 -11.26 5.69
C GLN A 239 -11.20 -10.30 6.14
N MET A 240 -11.53 -9.01 6.13
CA MET A 240 -10.57 -7.98 6.53
C MET A 240 -10.36 -8.02 8.05
N ALA A 241 -11.44 -8.24 8.79
CA ALA A 241 -11.37 -8.32 10.24
C ALA A 241 -10.55 -9.53 10.68
N ALA A 242 -10.66 -10.61 9.92
CA ALA A 242 -9.95 -11.84 10.22
C ALA A 242 -8.49 -11.76 9.79
N THR A 243 -8.18 -10.79 8.94
CA THR A 243 -6.81 -10.61 8.46
C THR A 243 -5.95 -9.93 9.52
N GLU A 244 -4.89 -10.62 9.94
CA GLU A 244 -3.99 -10.10 10.96
C GLU A 244 -2.69 -9.62 10.33
N GLN A 245 -2.48 -8.31 10.36
CA GLN A 245 -1.28 -7.72 9.78
C GLN A 245 -0.11 -7.74 10.76
N ASP A 246 0.97 -8.40 10.38
CA ASP A 246 2.16 -8.47 11.22
C ASP A 246 2.87 -7.13 11.30
N LYS A 247 3.74 -6.98 12.29
CA LYS A 247 4.53 -5.76 12.43
C LYS A 247 5.65 -5.72 11.39
N THR A 248 6.08 -4.52 11.03
CA THR A 248 7.19 -4.35 10.11
C THR A 248 8.45 -4.96 10.70
N PRO A 249 9.38 -5.43 9.84
CA PRO A 249 10.62 -6.06 10.33
C PRO A 249 11.38 -5.18 11.32
N LEU A 250 11.37 -3.87 11.10
CA LEU A 250 12.04 -2.94 12.00
C LEU A 250 11.35 -2.91 13.37
N GLN A 251 10.03 -2.98 13.37
CA GLN A 251 9.26 -3.01 14.60
C GLN A 251 9.52 -4.29 15.38
N GLN A 252 9.76 -5.39 14.66
CA GLN A 252 10.03 -6.67 15.29
C GLN A 252 11.44 -6.69 15.88
N LYS A 253 12.37 -6.01 15.23
CA LYS A 253 13.73 -5.89 15.74
C LYS A 253 13.76 -4.94 16.94
N LEU A 254 13.03 -3.84 16.83
CA LEU A 254 12.95 -2.87 17.92
C LEU A 254 12.30 -3.50 19.15
N ASP A 255 11.25 -4.29 18.94
CA ASP A 255 10.62 -5.03 20.02
C ASP A 255 11.59 -6.02 20.63
N GLU A 256 12.36 -6.68 19.77
CA GLU A 256 13.39 -7.62 20.21
C GLU A 256 14.45 -6.89 21.03
N PHE A 257 14.81 -5.69 20.58
CA PHE A 257 15.80 -4.86 21.25
C PHE A 257 15.37 -4.52 22.67
N GLY A 258 14.10 -4.23 22.84
CA GLY A 258 13.55 -3.91 24.15
C GLY A 258 13.59 -5.10 25.09
N GLU A 259 13.26 -6.27 24.56
CA GLU A 259 13.27 -7.51 25.35
C GLU A 259 14.65 -7.80 25.91
N GLN A 260 15.68 -7.58 25.08
CA GLN A 260 17.04 -7.89 25.47
C GLN A 260 17.67 -6.78 26.30
N LEU A 261 17.34 -5.53 25.98
CA LEU A 261 17.83 -4.39 26.75
C LEU A 261 17.33 -4.49 28.18
N SER A 262 16.14 -5.06 28.35
CA SER A 262 15.57 -5.30 29.66
C SER A 262 16.40 -6.31 30.44
N LYS A 263 16.78 -7.40 29.77
CA LYS A 263 17.58 -8.44 30.39
C LYS A 263 18.91 -7.83 30.84
N VAL A 264 19.60 -7.19 29.89
CA VAL A 264 20.88 -6.55 30.18
C VAL A 264 20.78 -5.65 31.41
N ILE A 265 19.83 -4.71 31.38
CA ILE A 265 19.64 -3.79 32.48
C ILE A 265 19.57 -4.53 33.81
N SER A 266 18.81 -5.62 33.85
CA SER A 266 18.66 -6.41 35.05
C SER A 266 19.96 -7.11 35.41
N LEU A 267 20.65 -7.65 34.41
CA LEU A 267 21.91 -8.34 34.62
C LEU A 267 22.94 -7.43 35.27
N ILE A 268 23.09 -6.23 34.72
CA ILE A 268 24.04 -5.26 35.26
C ILE A 268 23.80 -5.00 36.73
N CYS A 269 22.53 -4.80 37.09
CA CYS A 269 22.16 -4.55 38.48
C CYS A 269 22.68 -5.65 39.39
N VAL A 270 22.51 -6.89 38.94
CA VAL A 270 23.02 -8.04 39.67
C VAL A 270 24.54 -7.99 39.73
N ALA A 271 25.15 -7.61 38.62
CA ALA A 271 26.61 -7.48 38.55
C ALA A 271 27.13 -6.47 39.56
N VAL A 272 26.47 -5.32 39.64
CA VAL A 272 26.84 -4.28 40.59
C VAL A 272 26.74 -4.81 42.02
N TRP A 273 25.71 -5.62 42.28
CA TRP A 273 25.53 -6.21 43.59
C TRP A 273 26.61 -7.26 43.89
N LEU A 274 26.93 -8.07 42.88
CA LEU A 274 27.94 -9.11 43.04
C LEU A 274 29.33 -8.54 43.30
N ILE A 275 29.63 -7.40 42.67
CA ILE A 275 30.91 -6.73 42.87
C ILE A 275 31.00 -6.18 44.29
N ASN A 276 29.88 -5.66 44.79
CA ASN A 276 29.85 -5.07 46.13
C ASN A 276 29.35 -6.05 47.19
N ILE A 277 29.62 -7.34 46.99
CA ILE A 277 29.30 -8.35 47.98
C ILE A 277 30.17 -8.14 49.21
N GLY A 278 31.36 -7.59 49.00
CA GLY A 278 32.30 -7.31 50.07
C GLY A 278 31.77 -6.45 51.20
N HIS A 279 30.62 -5.80 50.96
CA HIS A 279 29.97 -5.00 52.00
C HIS A 279 29.33 -5.89 53.07
N PHE A 280 29.19 -7.18 52.77
CA PHE A 280 28.70 -8.13 53.75
C PHE A 280 29.74 -8.40 54.83
N ASN A 281 31.00 -8.12 54.51
CA ASN A 281 32.10 -8.27 55.46
C ASN A 281 32.42 -6.97 56.17
N ASP A 282 31.55 -5.97 55.99
CA ASP A 282 31.69 -4.69 56.67
C ASP A 282 30.91 -4.71 57.99
N PRO A 283 31.44 -4.03 59.02
CA PRO A 283 30.78 -4.01 60.33
C PRO A 283 29.39 -3.38 60.27
N VAL A 284 28.44 -3.96 61.01
CA VAL A 284 27.08 -3.44 61.03
C VAL A 284 27.04 -2.05 61.66
N HIS A 285 27.90 -1.83 62.64
CA HIS A 285 28.01 -0.53 63.28
C HIS A 285 28.91 0.40 62.46
N GLY A 286 28.41 1.59 62.16
CA GLY A 286 29.15 2.55 61.36
C GLY A 286 28.63 2.62 59.94
N GLY A 287 29.03 3.67 59.22
CA GLY A 287 28.58 3.87 57.85
C GLY A 287 27.11 4.22 57.79
N SER A 288 26.58 4.32 56.58
CA SER A 288 25.18 4.65 56.38
C SER A 288 24.54 3.74 55.34
N TRP A 289 23.67 2.85 55.80
CA TRP A 289 22.94 1.96 54.90
C TRP A 289 21.83 2.73 54.19
N ILE A 290 21.56 3.93 54.69
CA ILE A 290 20.58 4.81 54.06
C ILE A 290 21.22 5.56 52.91
N ARG A 291 22.52 5.81 53.01
CA ARG A 291 23.27 6.47 51.95
C ARG A 291 23.83 5.45 50.98
N GLY A 292 24.02 4.22 51.46
CA GLY A 292 24.50 3.14 50.62
C GLY A 292 23.41 2.62 49.71
N ALA A 293 22.17 2.77 50.15
CA ALA A 293 21.02 2.33 49.36
C ALA A 293 20.67 3.35 48.29
N ILE A 294 20.67 4.63 48.66
CA ILE A 294 20.38 5.71 47.73
C ILE A 294 21.38 5.69 46.56
N TYR A 295 22.63 5.35 46.86
CA TYR A 295 23.66 5.25 45.83
C TYR A 295 23.33 4.15 44.82
N TYR A 296 22.94 2.98 45.32
CA TYR A 296 22.62 1.86 44.45
C TYR A 296 21.32 2.09 43.67
N PHE A 297 20.47 2.96 44.19
CA PHE A 297 19.22 3.31 43.52
C PHE A 297 19.42 4.49 42.56
N LYS A 298 20.38 5.35 42.88
CA LYS A 298 20.72 6.47 42.01
C LYS A 298 21.33 5.97 40.70
N ILE A 299 22.25 5.03 40.81
CA ILE A 299 22.91 4.46 39.64
C ILE A 299 21.95 3.58 38.84
N ALA A 300 20.92 3.06 39.51
CA ALA A 300 19.91 2.25 38.86
C ALA A 300 19.08 3.10 37.90
N VAL A 301 18.64 4.25 38.38
CA VAL A 301 17.91 5.20 37.56
C VAL A 301 18.75 5.66 36.38
N ALA A 302 20.02 5.98 36.66
CA ALA A 302 20.96 6.40 35.62
C ALA A 302 21.21 5.28 34.62
N LEU A 303 21.26 4.05 35.11
CA LEU A 303 21.49 2.88 34.26
C LEU A 303 20.38 2.72 33.23
N ALA A 304 19.14 2.90 33.67
CA ALA A 304 17.99 2.79 32.79
C ALA A 304 18.03 3.86 31.70
N VAL A 305 18.16 5.11 32.12
CA VAL A 305 18.20 6.24 31.19
C VAL A 305 19.36 6.11 30.19
N ALA A 306 20.49 5.60 30.66
CA ALA A 306 21.66 5.42 29.81
C ALA A 306 21.41 4.35 28.75
N ALA A 307 20.54 3.40 29.07
CA ALA A 307 20.28 2.27 28.17
C ALA A 307 19.28 2.62 27.07
N ILE A 308 18.17 3.22 27.44
CA ILE A 308 17.11 3.54 26.50
C ILE A 308 17.50 4.65 25.53
N PRO A 309 17.40 4.38 24.23
CA PRO A 309 17.52 5.46 23.24
C PRO A 309 16.23 6.30 23.22
N GLU A 310 16.12 7.22 24.16
CA GLU A 310 14.89 7.99 24.34
C GLU A 310 14.50 8.80 23.11
N GLY A 311 15.50 9.26 22.37
CA GLY A 311 15.25 10.10 21.20
C GLY A 311 14.98 9.32 19.93
N LEU A 312 15.31 8.03 19.94
CA LEU A 312 15.19 7.18 18.76
C LEU A 312 13.78 7.12 18.14
N PRO A 313 12.72 6.92 18.94
CA PRO A 313 11.42 6.83 18.29
C PRO A 313 10.97 8.15 17.65
N ALA A 314 11.55 9.26 18.09
CA ALA A 314 11.25 10.56 17.51
C ALA A 314 12.05 10.79 16.23
N VAL A 315 13.30 10.34 16.23
CA VAL A 315 14.16 10.49 15.06
C VAL A 315 13.65 9.63 13.91
N ILE A 316 13.26 8.40 14.21
CA ILE A 316 12.68 7.50 13.23
C ILE A 316 11.47 8.12 12.57
N THR A 317 10.55 8.63 13.39
CA THR A 317 9.32 9.23 12.89
C THR A 317 9.59 10.43 11.98
N THR A 318 10.57 11.24 12.37
CA THR A 318 10.93 12.43 11.60
C THR A 318 11.47 12.07 10.22
N CYS A 319 12.33 11.05 10.18
CA CYS A 319 12.92 10.59 8.92
C CYS A 319 11.85 10.08 7.96
N LEU A 320 10.90 9.32 8.50
CA LEU A 320 9.84 8.73 7.69
C LEU A 320 8.87 9.78 7.17
N ALA A 321 8.56 10.77 8.00
CA ALA A 321 7.64 11.83 7.62
C ALA A 321 8.19 12.68 6.49
N LEU A 322 9.50 12.92 6.53
CA LEU A 322 10.16 13.71 5.49
C LEU A 322 10.32 12.89 4.22
N GLY A 323 10.60 11.60 4.37
CA GLY A 323 10.69 10.71 3.23
C GLY A 323 9.33 10.56 2.56
N THR A 324 8.28 10.58 3.37
CA THR A 324 6.92 10.51 2.86
C THR A 324 6.60 11.72 1.99
N ARG A 325 6.98 12.90 2.46
CA ARG A 325 6.80 14.13 1.69
C ARG A 325 7.58 14.06 0.38
N ARG A 326 8.74 13.42 0.43
CA ARG A 326 9.59 13.27 -0.75
C ARG A 326 8.96 12.30 -1.74
N MET A 327 8.41 11.20 -1.24
CA MET A 327 7.76 10.20 -2.08
C MET A 327 6.49 10.75 -2.70
N ALA A 328 5.82 11.64 -1.98
CA ALA A 328 4.59 12.27 -2.45
C ALA A 328 4.83 13.05 -3.74
N LYS A 329 5.99 13.70 -3.83
CA LYS A 329 6.36 14.43 -5.02
C LYS A 329 6.62 13.49 -6.20
N LYS A 330 6.97 12.24 -5.88
CA LYS A 330 7.15 11.23 -6.91
C LYS A 330 5.88 10.42 -7.09
N ASN A 331 4.74 11.08 -6.89
CA ASN A 331 3.41 10.53 -7.13
C ASN A 331 3.06 9.32 -6.25
N ALA A 332 3.83 9.12 -5.18
CA ALA A 332 3.59 8.01 -4.27
C ALA A 332 3.09 8.50 -2.93
N ILE A 333 1.82 8.26 -2.64
CA ILE A 333 1.22 8.69 -1.38
C ILE A 333 1.22 7.55 -0.36
N VAL A 334 2.26 7.51 0.47
CA VAL A 334 2.35 6.51 1.53
C VAL A 334 1.45 6.93 2.69
N ARG A 335 0.65 5.98 3.18
CA ARG A 335 -0.33 6.29 4.21
C ARG A 335 0.16 5.91 5.60
N SER A 336 0.92 4.81 5.68
CA SER A 336 1.47 4.35 6.95
C SER A 336 2.98 4.56 6.99
N LEU A 337 3.46 5.32 7.98
CA LEU A 337 4.87 5.60 8.12
C LEU A 337 5.77 4.36 8.26
N PRO A 338 5.37 3.38 9.10
CA PRO A 338 6.25 2.21 9.20
C PRO A 338 6.31 1.36 7.93
N SER A 339 5.43 1.62 6.97
CA SER A 339 5.38 0.84 5.75
C SER A 339 6.53 1.18 4.79
N VAL A 340 7.21 2.29 5.06
CA VAL A 340 8.32 2.74 4.23
C VAL A 340 9.44 1.70 4.20
N GLU A 341 9.75 1.14 5.36
CA GLU A 341 10.76 0.07 5.45
C GLU A 341 10.32 -1.15 4.68
N THR A 342 9.10 -1.61 4.94
CA THR A 342 8.53 -2.78 4.28
C THR A 342 8.53 -2.60 2.76
N LEU A 343 8.32 -1.36 2.32
CA LEU A 343 8.32 -1.04 0.91
C LEU A 343 9.70 -1.26 0.28
N GLY A 344 10.74 -1.06 1.07
CA GLY A 344 12.10 -1.24 0.60
C GLY A 344 12.53 -2.69 0.57
N CYS A 345 11.75 -3.55 1.21
CA CYS A 345 12.06 -4.97 1.28
C CYS A 345 11.26 -5.78 0.26
N THR A 346 10.46 -5.08 -0.55
CA THR A 346 9.58 -5.69 -1.53
C THR A 346 10.30 -6.68 -2.43
N SER A 347 9.92 -7.94 -2.35
CA SER A 347 10.54 -8.98 -3.18
C SER A 347 9.66 -9.30 -4.38
N VAL A 348 8.35 -9.16 -4.22
CA VAL A 348 7.40 -9.44 -5.30
C VAL A 348 6.39 -8.31 -5.46
N ILE A 349 6.21 -7.85 -6.70
CA ILE A 349 5.22 -6.83 -7.01
C ILE A 349 4.14 -7.38 -7.93
N CYS A 350 2.92 -7.53 -7.42
CA CYS A 350 1.80 -7.97 -8.22
C CYS A 350 0.97 -6.77 -8.68
N SER A 351 1.05 -6.45 -9.96
CA SER A 351 0.36 -5.29 -10.50
C SER A 351 -0.71 -5.66 -11.51
N ASP A 352 -1.81 -4.92 -11.49
CA ASP A 352 -2.82 -5.05 -12.53
C ASP A 352 -2.29 -4.40 -13.81
N LYS A 353 -2.69 -4.93 -14.96
CA LYS A 353 -2.19 -4.42 -16.22
C LYS A 353 -2.89 -3.12 -16.62
N THR A 354 -4.20 -3.17 -16.81
CA THR A 354 -4.95 -2.03 -17.34
C THR A 354 -4.92 -0.83 -16.40
N GLY A 355 -4.45 0.30 -16.92
CA GLY A 355 -4.42 1.54 -16.16
C GLY A 355 -3.12 1.75 -15.41
N THR A 356 -2.42 0.66 -15.11
CA THR A 356 -1.19 0.74 -14.33
C THR A 356 0.03 0.41 -15.18
N LEU A 357 0.06 -0.81 -15.71
CA LEU A 357 1.13 -1.21 -16.62
C LEU A 357 0.88 -0.59 -17.99
N THR A 358 -0.39 -0.32 -18.29
CA THR A 358 -0.78 0.30 -19.56
C THR A 358 -1.45 1.64 -19.30
N THR A 359 -1.78 2.34 -20.38
CA THR A 359 -2.33 3.69 -20.27
C THR A 359 -3.86 3.71 -20.22
N ASN A 360 -4.47 2.55 -20.48
CA ASN A 360 -5.92 2.42 -20.59
C ASN A 360 -6.49 3.37 -21.65
N GLN A 361 -5.63 3.73 -22.60
CA GLN A 361 -6.03 4.56 -23.72
C GLN A 361 -6.09 3.71 -24.98
N MET A 362 -7.25 3.10 -25.22
CA MET A 362 -7.44 2.20 -26.34
C MET A 362 -7.28 2.90 -27.69
N SER A 363 -6.90 2.14 -28.70
CA SER A 363 -6.73 2.66 -30.05
C SER A 363 -6.69 1.54 -31.07
N VAL A 364 -7.55 1.61 -32.08
CA VAL A 364 -7.58 0.60 -33.13
C VAL A 364 -6.39 0.77 -34.08
N CYS A 365 -5.52 -0.23 -34.11
CA CYS A 365 -4.32 -0.16 -34.93
C CYS A 365 -4.50 -0.87 -36.26
N LYS A 366 -5.05 -2.07 -36.21
CA LYS A 366 -5.27 -2.87 -37.40
C LYS A 366 -6.71 -3.31 -37.54
N MET A 367 -7.05 -3.80 -38.72
CA MET A 367 -8.37 -4.36 -39.01
C MET A 367 -8.32 -5.08 -40.34
N PHE A 368 -9.14 -6.10 -40.51
CA PHE A 368 -9.19 -6.80 -41.79
C PHE A 368 -10.58 -7.30 -42.13
N ILE A 369 -10.93 -7.20 -43.41
CA ILE A 369 -12.16 -7.76 -43.93
C ILE A 369 -11.82 -8.85 -44.93
N ILE A 370 -12.84 -9.53 -45.46
CA ILE A 370 -12.60 -10.58 -46.44
C ILE A 370 -12.61 -9.98 -47.84
N ASP A 371 -11.55 -10.27 -48.60
CA ASP A 371 -11.39 -9.69 -49.93
C ASP A 371 -11.93 -10.62 -51.02
N LYS A 372 -11.68 -11.92 -50.86
CA LYS A 372 -12.04 -12.88 -51.88
C LYS A 372 -12.09 -14.31 -51.33
N VAL A 373 -13.17 -15.02 -51.63
CA VAL A 373 -13.25 -16.45 -51.34
C VAL A 373 -13.62 -17.20 -52.62
N ASP A 374 -12.66 -17.98 -53.13
CA ASP A 374 -12.87 -18.73 -54.36
C ASP A 374 -12.35 -20.16 -54.19
N GLY A 375 -13.18 -21.02 -53.61
CA GLY A 375 -12.80 -22.39 -53.35
C GLY A 375 -11.77 -22.49 -52.25
N ASP A 376 -10.67 -23.18 -52.53
CA ASP A 376 -9.60 -23.35 -51.56
C ASP A 376 -8.78 -22.06 -51.43
N PHE A 377 -8.91 -21.19 -52.42
CA PHE A 377 -8.20 -19.92 -52.41
C PHE A 377 -8.92 -18.90 -51.53
N CYS A 378 -8.14 -18.05 -50.87
CA CYS A 378 -8.69 -17.04 -49.99
C CYS A 378 -7.73 -15.88 -49.79
N SER A 379 -8.28 -14.67 -49.74
CA SER A 379 -7.48 -13.48 -49.48
C SER A 379 -8.22 -12.52 -48.58
N LEU A 380 -7.51 -11.96 -47.61
CA LEU A 380 -8.10 -10.97 -46.72
C LEU A 380 -7.69 -9.57 -47.17
N ASN A 381 -8.28 -8.56 -46.55
CA ASN A 381 -7.85 -7.19 -46.76
C ASN A 381 -7.48 -6.55 -45.43
N GLU A 382 -6.20 -6.61 -45.08
CA GLU A 382 -5.71 -6.03 -43.83
C GLU A 382 -5.47 -4.53 -44.00
N PHE A 383 -5.71 -3.78 -42.93
CA PHE A 383 -5.47 -2.35 -42.94
C PHE A 383 -4.77 -1.90 -41.67
N SER A 384 -4.19 -0.71 -41.71
CA SER A 384 -3.53 -0.14 -40.54
C SER A 384 -4.04 1.28 -40.29
N ILE A 385 -4.10 1.66 -39.03
CA ILE A 385 -4.64 2.97 -38.65
C ILE A 385 -3.65 3.72 -37.76
N THR A 386 -3.41 4.99 -38.07
CA THR A 386 -2.49 5.81 -37.30
C THR A 386 -3.21 6.65 -36.26
N GLY A 387 -2.46 7.12 -35.27
CA GLY A 387 -3.02 7.93 -34.20
C GLY A 387 -3.42 7.09 -33.00
N SER A 388 -2.76 7.32 -31.87
CA SER A 388 -3.00 6.51 -30.67
C SER A 388 -3.96 7.20 -29.69
N THR A 389 -4.29 8.45 -29.97
CA THR A 389 -5.22 9.19 -29.11
C THR A 389 -6.67 8.92 -29.52
N TYR A 390 -7.60 9.42 -28.70
CA TYR A 390 -9.02 9.27 -29.00
C TYR A 390 -9.48 10.28 -30.04
N ALA A 391 -8.59 11.20 -30.39
CA ALA A 391 -8.89 12.21 -31.40
C ALA A 391 -9.09 11.58 -32.77
N PRO A 392 -10.03 12.13 -33.56
CA PRO A 392 -10.31 11.63 -34.91
C PRO A 392 -9.23 12.04 -35.92
N GLU A 393 -7.98 12.08 -35.46
CA GLU A 393 -6.86 12.50 -36.29
C GLU A 393 -5.99 11.31 -36.68
N GLY A 394 -6.18 10.82 -37.90
CA GLY A 394 -5.42 9.69 -38.40
C GLY A 394 -5.95 9.19 -39.72
N GLU A 395 -5.18 8.34 -40.40
CA GLU A 395 -5.60 7.80 -41.68
C GLU A 395 -5.53 6.27 -41.69
N VAL A 396 -6.12 5.67 -42.72
CA VAL A 396 -6.13 4.22 -42.86
C VAL A 396 -5.19 3.79 -43.99
N LEU A 397 -4.35 2.80 -43.72
CA LEU A 397 -3.33 2.39 -44.68
C LEU A 397 -3.44 0.92 -45.06
N LYS A 398 -3.23 0.63 -46.34
CA LYS A 398 -3.06 -0.75 -46.79
C LYS A 398 -1.66 -0.91 -47.36
N ASN A 399 -0.87 -1.77 -46.73
CA ASN A 399 0.55 -1.91 -47.02
C ASN A 399 1.26 -0.55 -46.96
N ASP A 400 1.04 0.14 -45.84
CA ASP A 400 1.64 1.44 -45.55
C ASP A 400 1.25 2.53 -46.56
N LYS A 401 0.23 2.26 -47.36
CA LYS A 401 -0.25 3.25 -48.33
C LYS A 401 -1.65 3.73 -48.00
N PRO A 402 -1.83 5.05 -47.90
CA PRO A 402 -3.13 5.68 -47.60
C PRO A 402 -4.21 5.28 -48.59
N ILE A 403 -5.35 4.83 -48.07
CA ILE A 403 -6.47 4.40 -48.91
C ILE A 403 -7.78 5.02 -48.44
N ARG A 404 -8.78 5.00 -49.32
CA ARG A 404 -10.10 5.48 -48.97
C ARG A 404 -10.98 4.32 -48.52
N SER A 405 -11.54 4.42 -47.32
CA SER A 405 -12.34 3.35 -46.75
C SER A 405 -13.64 3.14 -47.53
N GLY A 406 -14.15 4.23 -48.10
CA GLY A 406 -15.39 4.19 -48.85
C GLY A 406 -15.31 3.33 -50.11
N GLN A 407 -14.10 3.11 -50.60
CA GLN A 407 -13.88 2.32 -51.79
C GLN A 407 -13.95 0.82 -51.49
N PHE A 408 -14.12 0.49 -50.22
CA PHE A 408 -14.32 -0.90 -49.80
C PHE A 408 -15.69 -1.07 -49.16
N ASP A 409 -16.55 -1.83 -49.80
CA ASP A 409 -17.90 -2.07 -49.28
C ASP A 409 -17.84 -2.80 -47.94
N GLY A 410 -16.89 -3.72 -47.81
CA GLY A 410 -16.70 -4.45 -46.58
C GLY A 410 -16.39 -3.53 -45.40
N LEU A 411 -15.66 -2.46 -45.67
CA LEU A 411 -15.28 -1.50 -44.63
C LEU A 411 -16.44 -0.58 -44.26
N VAL A 412 -17.38 -0.40 -45.17
CA VAL A 412 -18.55 0.41 -44.91
C VAL A 412 -19.43 -0.29 -43.86
N GLU A 413 -19.66 -1.57 -44.09
CA GLU A 413 -20.40 -2.40 -43.14
C GLU A 413 -19.62 -2.53 -41.84
N LEU A 414 -18.29 -2.57 -41.96
CA LEU A 414 -17.38 -2.63 -40.82
C LEU A 414 -17.61 -1.44 -39.88
N ALA A 415 -17.59 -0.24 -40.46
CA ALA A 415 -17.76 0.99 -39.71
C ALA A 415 -19.17 1.11 -39.14
N THR A 416 -20.16 0.63 -39.90
CA THR A 416 -21.55 0.68 -39.48
C THR A 416 -21.75 -0.06 -38.16
N ILE A 417 -21.13 -1.24 -38.05
CA ILE A 417 -21.21 -2.04 -36.85
C ILE A 417 -20.59 -1.31 -35.65
N CYS A 418 -19.43 -0.71 -35.87
CA CYS A 418 -18.70 -0.04 -34.80
C CYS A 418 -19.45 1.19 -34.27
N ALA A 419 -20.24 1.82 -35.12
CA ALA A 419 -20.95 3.04 -34.74
C ALA A 419 -22.26 2.74 -34.03
N LEU A 420 -22.97 1.72 -34.51
CA LEU A 420 -24.29 1.39 -33.98
C LEU A 420 -24.22 0.46 -32.78
N CYS A 421 -23.38 -0.57 -32.88
CA CYS A 421 -23.17 -1.49 -31.77
C CYS A 421 -22.21 -0.85 -30.77
N ASN A 422 -22.66 0.23 -30.13
CA ASN A 422 -21.79 1.06 -29.31
C ASN A 422 -22.60 1.92 -28.33
N ASP A 423 -22.21 1.90 -27.06
CA ASP A 423 -22.89 2.71 -26.04
C ASP A 423 -22.03 3.89 -25.61
N SER A 424 -20.98 4.18 -26.37
CA SER A 424 -20.05 5.25 -26.03
C SER A 424 -20.01 6.33 -27.09
N SER A 425 -19.30 7.42 -26.80
CA SER A 425 -19.17 8.53 -27.72
C SER A 425 -17.93 9.36 -27.42
N LEU A 426 -17.71 10.40 -28.22
CA LEU A 426 -16.60 11.31 -28.02
C LEU A 426 -17.08 12.69 -27.58
N ASP A 427 -16.17 13.49 -27.05
CA ASP A 427 -16.48 14.85 -26.64
C ASP A 427 -15.21 15.68 -26.54
N PHE A 428 -15.13 16.75 -27.33
CA PHE A 428 -13.97 17.62 -27.31
C PHE A 428 -14.04 18.58 -26.12
N ASN A 429 -13.12 18.40 -25.18
CA ASN A 429 -13.05 19.26 -24.00
C ASN A 429 -12.42 20.60 -24.35
N GLU A 430 -13.19 21.67 -24.19
CA GLU A 430 -12.70 23.01 -24.49
C GLU A 430 -11.80 23.55 -23.38
N THR A 431 -11.94 22.97 -22.19
CA THR A 431 -11.13 23.36 -21.04
C THR A 431 -9.72 22.79 -21.16
N LYS A 432 -9.63 21.49 -21.41
CA LYS A 432 -8.34 20.82 -21.56
C LYS A 432 -7.75 21.06 -22.95
N GLY A 433 -8.58 20.95 -23.97
CA GLY A 433 -8.15 21.17 -25.34
C GLY A 433 -7.90 19.86 -26.08
N VAL A 434 -8.40 18.76 -25.52
CA VAL A 434 -8.22 17.44 -26.13
C VAL A 434 -9.54 16.69 -26.21
N TYR A 435 -9.53 15.61 -27.00
CA TYR A 435 -10.70 14.74 -27.11
C TYR A 435 -10.72 13.71 -25.99
N GLU A 436 -11.76 13.76 -25.16
CA GLU A 436 -11.90 12.82 -24.07
C GLU A 436 -12.97 11.78 -24.38
N LYS A 437 -12.93 10.66 -23.67
CA LYS A 437 -13.85 9.55 -23.94
C LYS A 437 -15.13 9.68 -23.11
N VAL A 438 -16.22 9.15 -23.66
CA VAL A 438 -17.49 9.10 -22.96
C VAL A 438 -18.02 7.67 -22.97
N GLY A 439 -17.65 6.89 -21.97
CA GLY A 439 -18.03 5.49 -21.89
C GLY A 439 -16.83 4.59 -21.71
N GLU A 440 -16.94 3.35 -22.19
CA GLU A 440 -15.83 2.40 -22.09
C GLU A 440 -14.71 2.77 -23.05
N ALA A 441 -13.47 2.56 -22.61
CA ALA A 441 -12.30 2.86 -23.43
C ALA A 441 -12.29 2.03 -24.70
N THR A 442 -12.78 0.79 -24.59
CA THR A 442 -12.84 -0.12 -25.74
C THR A 442 -13.82 0.38 -26.79
N GLU A 443 -15.05 0.69 -26.36
CA GLU A 443 -16.08 1.15 -27.28
C GLU A 443 -15.75 2.51 -27.88
N THR A 444 -15.12 3.37 -27.08
CA THR A 444 -14.74 4.70 -27.55
C THR A 444 -13.68 4.60 -28.64
N ALA A 445 -12.83 3.57 -28.55
CA ALA A 445 -11.84 3.31 -29.57
C ALA A 445 -12.49 3.02 -30.91
N LEU A 446 -13.67 2.40 -30.85
CA LEU A 446 -14.45 2.15 -32.06
C LEU A 446 -15.06 3.45 -32.58
N THR A 447 -15.44 4.33 -31.67
CA THR A 447 -16.01 5.62 -32.02
C THR A 447 -14.98 6.48 -32.76
N THR A 448 -13.73 6.40 -32.30
CA THR A 448 -12.63 7.13 -32.93
C THR A 448 -12.31 6.56 -34.29
N LEU A 449 -12.37 5.23 -34.41
CA LEU A 449 -12.03 4.53 -35.63
C LEU A 449 -12.91 4.95 -36.81
N VAL A 450 -14.22 4.98 -36.60
CA VAL A 450 -15.16 5.29 -37.67
C VAL A 450 -15.05 6.75 -38.10
N GLU A 451 -14.46 7.58 -37.24
CA GLU A 451 -14.23 8.98 -37.57
C GLU A 451 -13.01 9.13 -38.48
N LYS A 452 -12.09 8.18 -38.37
CA LYS A 452 -10.89 8.17 -39.20
C LYS A 452 -11.15 7.52 -40.55
N MET A 453 -12.06 6.54 -40.56
CA MET A 453 -12.37 5.82 -41.78
C MET A 453 -13.19 6.68 -42.74
N ASN A 454 -14.32 7.18 -42.26
CA ASN A 454 -15.21 8.03 -43.06
C ASN A 454 -15.60 7.35 -44.37
N VAL A 455 -16.40 6.30 -44.27
CA VAL A 455 -16.75 5.48 -45.42
C VAL A 455 -17.67 6.19 -46.41
N PHE A 456 -18.22 7.33 -46.01
CA PHE A 456 -19.13 8.07 -46.87
C PHE A 456 -18.54 9.40 -47.34
N ASN A 457 -17.28 9.63 -46.97
CA ASN A 457 -16.54 10.82 -47.38
C ASN A 457 -17.27 12.12 -47.03
N THR A 458 -17.87 12.16 -45.84
CA THR A 458 -18.59 13.33 -45.36
C THR A 458 -17.63 14.50 -45.15
N GLU A 459 -18.07 15.71 -45.52
CA GLU A 459 -17.28 16.90 -45.32
C GLU A 459 -17.10 17.20 -43.84
N VAL A 460 -15.94 16.84 -43.30
CA VAL A 460 -15.68 16.99 -41.87
C VAL A 460 -14.60 18.04 -41.58
N ARG A 461 -13.98 18.55 -42.63
CA ARG A 461 -12.92 19.54 -42.48
C ARG A 461 -13.50 20.96 -42.39
N ASN A 462 -14.82 21.06 -42.55
CA ASN A 462 -15.50 22.34 -42.46
C ASN A 462 -16.11 22.58 -41.09
N LEU A 463 -16.29 21.49 -40.34
CA LEU A 463 -16.91 21.56 -39.02
C LEU A 463 -15.97 22.12 -37.97
N SER A 464 -16.51 22.53 -36.84
CA SER A 464 -15.72 23.01 -35.71
C SER A 464 -15.02 21.85 -35.02
N LYS A 465 -14.43 22.12 -33.86
CA LYS A 465 -13.67 21.10 -33.15
C LYS A 465 -14.58 20.20 -32.32
N VAL A 466 -15.64 20.77 -31.76
CA VAL A 466 -16.57 20.02 -30.94
C VAL A 466 -17.50 19.16 -31.79
N GLU A 467 -17.91 19.70 -32.93
CA GLU A 467 -18.80 18.97 -33.85
C GLU A 467 -18.02 17.91 -34.63
N ARG A 468 -16.70 18.01 -34.60
CA ARG A 468 -15.83 17.07 -35.29
C ARG A 468 -15.79 15.73 -34.56
N ALA A 469 -16.02 15.77 -33.25
CA ALA A 469 -15.95 14.58 -32.40
C ALA A 469 -16.87 13.46 -32.86
N ASN A 470 -18.16 13.76 -32.94
CA ASN A 470 -19.15 12.76 -33.36
C ASN A 470 -19.75 13.10 -34.72
N ALA A 471 -18.89 13.12 -35.74
CA ALA A 471 -19.31 13.49 -37.09
C ALA A 471 -19.72 12.27 -37.92
N CYS A 472 -18.75 11.44 -38.25
CA CYS A 472 -18.99 10.25 -39.08
C CYS A 472 -19.92 9.27 -38.38
N ASN A 473 -19.93 9.29 -37.05
CA ASN A 473 -20.85 8.47 -36.28
C ASN A 473 -22.29 8.86 -36.55
N SER A 474 -22.58 10.15 -36.40
CA SER A 474 -23.93 10.68 -36.58
C SER A 474 -24.46 10.39 -37.98
N VAL A 475 -23.57 10.41 -38.97
CA VAL A 475 -23.94 10.11 -40.34
C VAL A 475 -24.50 8.69 -40.45
N ILE A 476 -23.87 7.76 -39.74
CA ILE A 476 -24.28 6.36 -39.76
C ILE A 476 -25.55 6.13 -38.95
N ARG A 477 -25.69 6.89 -37.86
CA ARG A 477 -26.87 6.78 -36.99
C ARG A 477 -28.15 7.14 -37.72
N GLN A 478 -28.05 8.02 -38.71
CA GLN A 478 -29.22 8.47 -39.46
C GLN A 478 -29.66 7.43 -40.49
N LEU A 479 -28.81 6.43 -40.73
CA LEU A 479 -29.13 5.38 -41.68
C LEU A 479 -30.05 4.32 -41.06
N MET A 480 -29.57 3.71 -39.99
CA MET A 480 -30.34 2.68 -39.29
C MET A 480 -30.90 3.20 -37.98
N LYS A 481 -32.12 2.79 -37.65
CA LYS A 481 -32.74 3.17 -36.39
C LYS A 481 -32.60 2.05 -35.37
N LYS A 482 -31.94 2.35 -34.26
CA LYS A 482 -31.70 1.34 -33.22
C LYS A 482 -32.95 1.04 -32.41
N GLU A 483 -33.51 -0.16 -32.62
CA GLU A 483 -34.69 -0.59 -31.89
C GLU A 483 -34.34 -0.89 -30.43
N PHE A 484 -33.36 -1.76 -30.23
CA PHE A 484 -32.92 -2.13 -28.89
C PHE A 484 -31.52 -2.75 -28.93
N THR A 485 -30.92 -2.93 -27.75
CA THR A 485 -29.60 -3.54 -27.65
C THR A 485 -29.59 -4.73 -26.70
N LEU A 486 -28.92 -5.81 -27.12
CA LEU A 486 -28.70 -6.96 -26.26
C LEU A 486 -27.36 -6.80 -25.55
N GLU A 487 -27.40 -6.57 -24.25
CA GLU A 487 -26.21 -6.23 -23.48
C GLU A 487 -25.14 -7.32 -23.52
N PHE A 488 -23.92 -6.93 -23.21
CA PHE A 488 -22.81 -7.88 -23.13
C PHE A 488 -22.99 -8.80 -21.93
N SER A 489 -22.53 -10.04 -22.08
CA SER A 489 -22.51 -10.99 -20.99
C SER A 489 -21.37 -11.97 -21.22
N ARG A 490 -20.67 -12.34 -20.16
CA ARG A 490 -19.44 -13.13 -20.29
C ARG A 490 -19.71 -14.57 -20.70
N ASP A 491 -20.96 -15.00 -20.64
CA ASP A 491 -21.30 -16.36 -21.04
C ASP A 491 -21.18 -16.54 -22.55
N ARG A 492 -21.53 -15.49 -23.30
CA ARG A 492 -21.44 -15.54 -24.75
C ARG A 492 -20.40 -14.56 -25.27
N LYS A 493 -19.91 -13.70 -24.39
CA LYS A 493 -18.85 -12.74 -24.69
C LYS A 493 -19.09 -11.94 -25.97
N SER A 494 -20.26 -11.32 -26.06
CA SER A 494 -20.61 -10.47 -27.19
C SER A 494 -21.81 -9.58 -26.86
N MET A 495 -22.07 -8.62 -27.74
CA MET A 495 -23.27 -7.80 -27.64
C MET A 495 -23.79 -7.50 -29.04
N SER A 496 -25.05 -7.10 -29.15
CA SER A 496 -25.61 -6.79 -30.45
C SER A 496 -26.69 -5.72 -30.37
N VAL A 497 -27.04 -5.17 -31.53
CA VAL A 497 -28.10 -4.17 -31.63
C VAL A 497 -29.05 -4.53 -32.77
N TYR A 498 -30.34 -4.36 -32.51
CA TYR A 498 -31.36 -4.60 -33.53
C TYR A 498 -31.72 -3.29 -34.20
N CYS A 499 -31.59 -3.24 -35.52
CA CYS A 499 -31.80 -1.99 -36.25
C CYS A 499 -32.73 -2.14 -37.44
N SER A 500 -33.49 -1.07 -37.70
CA SER A 500 -34.38 -1.01 -38.85
C SER A 500 -33.97 0.15 -39.75
N PRO A 501 -34.23 0.04 -41.07
CA PRO A 501 -33.91 1.13 -41.99
C PRO A 501 -34.69 2.40 -41.66
N ALA A 502 -34.14 3.55 -42.05
CA ALA A 502 -34.77 4.83 -41.77
C ALA A 502 -36.07 4.99 -42.54
N LYS A 503 -35.96 5.10 -43.87
CA LYS A 503 -37.14 5.21 -44.72
C LYS A 503 -37.89 3.87 -44.76
N SER A 504 -38.70 3.64 -43.74
CA SER A 504 -39.45 2.39 -43.63
C SER A 504 -40.56 2.53 -42.57
N SER A 505 -41.55 3.36 -42.87
CA SER A 505 -42.65 3.58 -41.94
C SER A 505 -43.71 2.49 -42.07
N ARG A 506 -43.88 1.96 -43.27
CA ARG A 506 -44.85 0.91 -43.52
C ARG A 506 -44.20 -0.33 -44.11
N ALA A 507 -43.34 -0.98 -43.33
CA ALA A 507 -42.67 -2.20 -43.76
C ALA A 507 -42.23 -3.02 -42.56
N ALA A 508 -42.06 -4.33 -42.76
CA ALA A 508 -41.63 -5.23 -41.70
C ALA A 508 -40.46 -6.07 -42.14
N VAL A 509 -39.92 -5.77 -43.31
CA VAL A 509 -38.79 -6.52 -43.86
C VAL A 509 -37.62 -5.60 -44.19
N GLY A 510 -36.47 -5.88 -43.59
CA GLY A 510 -35.27 -5.11 -43.84
C GLY A 510 -34.45 -4.85 -42.59
N ASN A 511 -34.79 -5.53 -41.51
CA ASN A 511 -34.10 -5.35 -40.24
C ASN A 511 -32.74 -6.03 -40.22
N LYS A 512 -31.81 -5.50 -39.43
CA LYS A 512 -30.47 -6.04 -39.32
C LYS A 512 -29.99 -6.10 -37.86
N MET A 513 -29.21 -7.12 -37.54
CA MET A 513 -28.55 -7.19 -36.23
C MET A 513 -27.05 -7.05 -36.41
N PHE A 514 -26.43 -6.20 -35.58
CA PHE A 514 -25.00 -5.94 -35.67
C PHE A 514 -24.29 -6.40 -34.40
N VAL A 515 -23.45 -7.43 -34.54
CA VAL A 515 -22.84 -8.08 -33.38
C VAL A 515 -21.35 -7.77 -33.25
N LYS A 516 -20.89 -7.62 -32.01
CA LYS A 516 -19.47 -7.48 -31.73
C LYS A 516 -19.11 -8.23 -30.45
N GLY A 517 -17.86 -8.66 -30.34
CA GLY A 517 -17.41 -9.37 -29.16
C GLY A 517 -16.16 -10.21 -29.41
N ALA A 518 -15.86 -11.11 -28.48
CA ALA A 518 -14.70 -11.99 -28.58
C ALA A 518 -14.77 -12.85 -29.83
N PRO A 519 -13.65 -12.92 -30.58
CA PRO A 519 -13.55 -13.60 -31.88
C PRO A 519 -13.98 -15.06 -31.87
N GLU A 520 -13.57 -15.84 -30.87
CA GLU A 520 -13.86 -17.26 -30.83
C GLU A 520 -15.36 -17.56 -30.89
N GLY A 521 -16.11 -17.00 -29.97
CA GLY A 521 -17.55 -17.23 -29.89
C GLY A 521 -18.31 -16.72 -31.09
N VAL A 522 -17.99 -15.52 -31.54
CA VAL A 522 -18.70 -14.88 -32.64
C VAL A 522 -18.53 -15.63 -33.96
N ILE A 523 -17.29 -16.01 -34.27
CA ILE A 523 -16.98 -16.69 -35.52
C ILE A 523 -17.63 -18.07 -35.58
N ASP A 524 -17.72 -18.73 -34.43
CA ASP A 524 -18.37 -20.04 -34.36
C ASP A 524 -19.87 -19.94 -34.68
N ARG A 525 -20.42 -18.75 -34.53
CA ARG A 525 -21.84 -18.52 -34.82
C ARG A 525 -22.02 -17.87 -36.19
N CYS A 526 -20.94 -17.82 -36.97
CA CYS A 526 -20.99 -17.27 -38.32
C CYS A 526 -21.09 -18.38 -39.36
N ASN A 527 -22.26 -18.48 -40.01
CA ASN A 527 -22.45 -19.46 -41.07
C ASN A 527 -22.18 -18.85 -42.44
N TYR A 528 -21.87 -17.56 -42.46
CA TYR A 528 -21.66 -16.84 -43.70
C TYR A 528 -20.48 -15.87 -43.59
N VAL A 529 -20.10 -15.27 -44.72
CA VAL A 529 -18.97 -14.35 -44.79
C VAL A 529 -19.24 -13.21 -45.77
N ARG A 530 -19.09 -11.98 -45.31
CA ARG A 530 -19.22 -10.82 -46.19
C ARG A 530 -17.98 -10.64 -47.05
N VAL A 531 -18.18 -10.61 -48.36
CA VAL A 531 -17.10 -10.27 -49.30
C VAL A 531 -17.53 -9.04 -50.08
N GLY A 532 -17.32 -7.87 -49.48
CA GLY A 532 -17.81 -6.63 -50.05
C GLY A 532 -19.29 -6.45 -49.75
N THR A 533 -20.13 -6.63 -50.76
CA THR A 533 -21.57 -6.60 -50.58
C THR A 533 -22.15 -8.01 -50.66
N THR A 534 -21.38 -8.92 -51.26
CA THR A 534 -21.82 -10.30 -51.44
C THR A 534 -21.67 -11.11 -50.16
N ARG A 535 -22.13 -12.35 -50.20
CA ARG A 535 -22.05 -13.24 -49.05
C ARG A 535 -21.81 -14.69 -49.48
N VAL A 536 -20.85 -15.35 -48.85
CA VAL A 536 -20.55 -16.75 -49.14
C VAL A 536 -20.62 -17.58 -47.85
N PRO A 537 -20.93 -18.87 -47.98
CA PRO A 537 -21.00 -19.73 -46.79
C PRO A 537 -19.65 -19.92 -46.11
N MET A 538 -19.67 -19.93 -44.78
CA MET A 538 -18.45 -20.13 -43.99
C MET A 538 -17.87 -21.53 -44.24
N THR A 539 -16.60 -21.56 -44.67
CA THR A 539 -15.93 -22.82 -44.93
C THR A 539 -14.72 -23.01 -44.02
N GLY A 540 -14.24 -24.25 -43.95
CA GLY A 540 -13.10 -24.60 -43.11
C GLY A 540 -11.85 -23.77 -43.34
N PRO A 541 -11.25 -23.86 -44.55
CA PRO A 541 -10.04 -23.11 -44.89
C PRO A 541 -10.14 -21.60 -44.65
N VAL A 542 -11.30 -21.01 -44.94
CA VAL A 542 -11.49 -19.59 -44.76
C VAL A 542 -11.54 -19.23 -43.26
N LYS A 543 -12.26 -20.04 -42.49
CA LYS A 543 -12.38 -19.82 -41.05
C LYS A 543 -11.02 -19.90 -40.36
N GLU A 544 -10.17 -20.79 -40.85
CA GLU A 544 -8.82 -20.94 -40.32
C GLU A 544 -7.97 -19.72 -40.65
N LYS A 545 -8.17 -19.19 -41.85
CA LYS A 545 -7.45 -18.00 -42.29
C LYS A 545 -7.80 -16.80 -41.42
N ILE A 546 -9.06 -16.74 -40.99
CA ILE A 546 -9.52 -15.66 -40.12
C ILE A 546 -8.92 -15.80 -38.71
N LEU A 547 -8.99 -17.01 -38.17
CA LEU A 547 -8.51 -17.28 -36.82
C LEU A 547 -7.00 -17.14 -36.70
N SER A 548 -6.29 -17.45 -37.78
CA SER A 548 -4.83 -17.37 -37.78
C SER A 548 -4.35 -15.95 -37.56
N VAL A 549 -4.88 -15.02 -38.35
CA VAL A 549 -4.53 -13.60 -38.24
C VAL A 549 -4.86 -13.06 -36.86
N ILE A 550 -5.97 -13.53 -36.30
CA ILE A 550 -6.38 -13.13 -34.95
C ILE A 550 -5.34 -13.60 -33.92
N LYS A 551 -4.87 -14.83 -34.08
CA LYS A 551 -3.84 -15.38 -33.21
C LYS A 551 -2.53 -14.59 -33.34
N GLU A 552 -2.23 -14.17 -34.56
CA GLU A 552 -1.02 -13.41 -34.83
C GLU A 552 -1.06 -12.03 -34.20
N TRP A 553 -2.20 -11.36 -34.32
CA TRP A 553 -2.34 -10.00 -33.78
C TRP A 553 -2.36 -9.97 -32.26
N GLY A 554 -2.94 -11.00 -31.66
CA GLY A 554 -3.07 -11.07 -30.21
C GLY A 554 -1.85 -11.61 -29.50
N THR A 555 -1.21 -12.62 -30.10
CA THR A 555 -0.08 -13.29 -29.47
C THR A 555 1.25 -12.76 -30.00
N GLY A 556 1.20 -12.04 -31.10
CA GLY A 556 2.40 -11.46 -31.68
C GLY A 556 2.93 -10.28 -30.88
N ARG A 557 3.88 -9.55 -31.44
CA ARG A 557 4.47 -8.40 -30.77
C ARG A 557 3.55 -7.20 -30.79
N ASP A 558 2.42 -7.32 -31.50
CA ASP A 558 1.42 -6.27 -31.54
C ASP A 558 0.62 -6.23 -30.24
N THR A 559 0.37 -7.41 -29.67
CA THR A 559 -0.38 -7.57 -28.43
C THR A 559 -1.71 -6.83 -28.47
N LEU A 560 -2.51 -7.13 -29.48
CA LEU A 560 -3.78 -6.44 -29.70
C LEU A 560 -4.97 -7.22 -29.17
N ARG A 561 -5.93 -6.50 -28.61
CA ARG A 561 -7.21 -7.09 -28.22
C ARG A 561 -8.14 -7.10 -29.43
N CYS A 562 -8.53 -8.29 -29.87
CA CYS A 562 -9.30 -8.42 -31.10
C CYS A 562 -10.80 -8.55 -30.85
N LEU A 563 -11.58 -7.82 -31.64
CA LEU A 563 -13.03 -7.91 -31.62
C LEU A 563 -13.54 -8.38 -32.98
N ALA A 564 -14.44 -9.35 -32.97
CA ALA A 564 -15.05 -9.83 -34.21
C ALA A 564 -16.36 -9.11 -34.46
N LEU A 565 -16.57 -8.68 -35.70
CA LEU A 565 -17.79 -7.98 -36.07
C LEU A 565 -18.59 -8.77 -37.09
N ALA A 566 -19.84 -9.06 -36.76
CA ALA A 566 -20.71 -9.81 -37.65
C ALA A 566 -22.08 -9.16 -37.76
N THR A 567 -22.82 -9.51 -38.81
CA THR A 567 -24.18 -9.04 -38.98
C THR A 567 -25.13 -10.20 -39.18
N ARG A 568 -26.28 -10.16 -38.53
CA ARG A 568 -27.32 -11.12 -38.84
C ARG A 568 -28.23 -10.54 -39.90
N ASP A 569 -28.06 -11.02 -41.13
CA ASP A 569 -28.79 -10.48 -42.28
C ASP A 569 -30.29 -10.66 -42.14
N THR A 570 -30.71 -11.82 -41.64
CA THR A 570 -32.12 -12.08 -41.41
C THR A 570 -32.36 -12.39 -39.94
N PRO A 571 -32.49 -11.34 -39.12
CA PRO A 571 -32.75 -11.50 -37.69
C PRO A 571 -34.16 -12.02 -37.44
N PRO A 572 -34.39 -12.68 -36.30
CA PRO A 572 -35.74 -13.15 -35.97
C PRO A 572 -36.72 -11.99 -35.88
N LYS A 573 -38.00 -12.27 -36.09
CA LYS A 573 -39.02 -11.23 -36.04
C LYS A 573 -39.04 -10.56 -34.67
N ARG A 574 -39.28 -9.25 -34.67
CA ARG A 574 -39.29 -8.45 -33.45
C ARG A 574 -40.16 -9.05 -32.35
N GLU A 575 -41.28 -9.64 -32.76
CA GLU A 575 -42.25 -10.17 -31.82
C GLU A 575 -41.81 -11.51 -31.22
N GLU A 576 -40.96 -12.24 -31.96
CA GLU A 576 -40.53 -13.56 -31.53
C GLU A 576 -39.30 -13.48 -30.63
N MET A 577 -38.99 -12.29 -30.14
CA MET A 577 -37.83 -12.09 -29.29
C MET A 577 -38.23 -11.60 -27.90
N VAL A 578 -37.73 -12.31 -26.88
CA VAL A 578 -37.93 -11.88 -25.51
C VAL A 578 -36.70 -11.11 -25.03
N LEU A 579 -36.89 -9.81 -24.78
CA LEU A 579 -35.78 -8.92 -24.47
C LEU A 579 -35.41 -8.94 -23.00
N ASP A 580 -36.22 -9.62 -22.19
CA ASP A 580 -35.98 -9.70 -20.75
C ASP A 580 -35.11 -10.90 -20.41
N ASP A 581 -35.17 -11.94 -21.24
CA ASP A 581 -34.42 -13.17 -20.99
C ASP A 581 -33.05 -13.13 -21.65
N SER A 582 -32.05 -12.67 -20.90
CA SER A 582 -30.70 -12.53 -21.41
C SER A 582 -30.05 -13.88 -21.72
N SER A 583 -30.68 -14.96 -21.25
CA SER A 583 -30.19 -16.30 -21.52
C SER A 583 -30.44 -16.68 -22.98
N ARG A 584 -31.42 -16.04 -23.61
CA ARG A 584 -31.78 -16.33 -24.99
C ARG A 584 -31.04 -15.45 -25.99
N PHE A 585 -30.09 -14.66 -25.50
CA PHE A 585 -29.41 -13.68 -26.35
C PHE A 585 -28.45 -14.33 -27.34
N MET A 586 -27.70 -15.34 -26.89
CA MET A 586 -26.77 -16.03 -27.77
C MET A 586 -27.52 -16.66 -28.93
N GLU A 587 -28.69 -17.24 -28.62
CA GLU A 587 -29.59 -17.80 -29.62
C GLU A 587 -29.98 -16.75 -30.67
N TYR A 588 -30.28 -15.55 -30.20
CA TYR A 588 -30.67 -14.45 -31.08
C TYR A 588 -29.51 -14.02 -31.96
N GLU A 589 -28.29 -14.31 -31.52
CA GLU A 589 -27.08 -13.95 -32.26
C GLU A 589 -26.46 -15.17 -32.95
N THR A 590 -27.28 -15.93 -33.66
CA THR A 590 -26.78 -17.08 -34.42
C THR A 590 -27.00 -16.87 -35.90
N ASP A 591 -26.47 -17.80 -36.71
CA ASP A 591 -26.54 -17.72 -38.16
C ASP A 591 -26.05 -16.35 -38.64
N LEU A 592 -24.87 -15.97 -38.16
CA LEU A 592 -24.32 -14.66 -38.45
C LEU A 592 -23.53 -14.64 -39.75
N THR A 593 -23.17 -13.45 -40.18
CA THR A 593 -22.29 -13.28 -41.33
C THR A 593 -21.09 -12.46 -40.92
N PHE A 594 -19.92 -13.11 -40.90
CA PHE A 594 -18.68 -12.45 -40.52
C PHE A 594 -18.38 -11.26 -41.42
N VAL A 595 -18.16 -10.09 -40.82
CA VAL A 595 -17.83 -8.90 -41.57
C VAL A 595 -16.32 -8.61 -41.53
N GLY A 596 -15.80 -8.49 -40.32
CA GLY A 596 -14.38 -8.22 -40.14
C GLY A 596 -13.92 -8.34 -38.69
N VAL A 597 -12.65 -8.00 -38.47
CA VAL A 597 -12.08 -8.03 -37.13
C VAL A 597 -11.25 -6.77 -36.89
N VAL A 598 -11.47 -6.11 -35.76
CA VAL A 598 -10.67 -4.96 -35.38
C VAL A 598 -9.71 -5.32 -34.26
N GLY A 599 -8.49 -4.80 -34.36
CA GLY A 599 -7.47 -5.02 -33.34
C GLY A 599 -7.09 -3.69 -32.71
N MET A 600 -7.22 -3.61 -31.40
CA MET A 600 -6.92 -2.36 -30.69
C MET A 600 -5.83 -2.56 -29.65
N LEU A 601 -5.08 -1.50 -29.39
CA LEU A 601 -3.96 -1.58 -28.47
C LEU A 601 -4.20 -0.75 -27.22
N ASP A 602 -3.94 -1.37 -26.07
CA ASP A 602 -3.82 -0.64 -24.81
C ASP A 602 -2.34 -0.58 -24.49
N PRO A 603 -1.66 0.47 -24.98
CA PRO A 603 -0.21 0.58 -24.94
C PRO A 603 0.35 0.66 -23.52
N PRO A 604 1.45 -0.09 -23.26
CA PRO A 604 2.17 0.00 -21.99
C PRO A 604 2.72 1.41 -21.77
N ARG A 605 2.83 1.82 -20.51
CA ARG A 605 3.39 3.13 -20.17
C ARG A 605 4.82 3.24 -20.67
N LYS A 606 5.25 4.47 -20.97
CA LYS A 606 6.58 4.71 -21.52
C LYS A 606 7.68 4.40 -20.50
N GLU A 607 7.33 4.39 -19.23
CA GLU A 607 8.33 4.19 -18.17
C GLU A 607 8.31 2.77 -17.61
N VAL A 608 7.35 1.96 -18.05
CA VAL A 608 7.21 0.60 -17.53
C VAL A 608 8.36 -0.30 -17.95
N MET A 609 8.75 -0.22 -19.22
CA MET A 609 9.83 -1.02 -19.78
C MET A 609 11.09 -0.99 -18.91
N GLY A 610 11.53 0.20 -18.54
CA GLY A 610 12.72 0.36 -17.73
C GLY A 610 12.49 0.02 -16.27
N SER A 611 11.30 0.32 -15.78
CA SER A 611 10.94 0.04 -14.39
C SER A 611 10.95 -1.47 -14.14
N ILE A 612 10.48 -2.24 -15.12
CA ILE A 612 10.52 -3.70 -15.03
C ILE A 612 11.98 -4.18 -14.92
N GLN A 613 12.85 -3.57 -15.72
CA GLN A 613 14.27 -3.92 -15.72
C GLN A 613 14.93 -3.59 -14.39
N LEU A 614 14.54 -2.46 -13.81
CA LEU A 614 15.04 -2.06 -12.49
C LEU A 614 14.73 -3.15 -11.46
N CYS A 615 13.53 -3.71 -11.55
CA CYS A 615 13.11 -4.77 -10.64
C CYS A 615 13.96 -6.03 -10.83
N ARG A 616 14.28 -6.35 -12.07
CA ARG A 616 15.15 -7.49 -12.37
C ARG A 616 16.54 -7.27 -11.77
N ASP A 617 17.04 -6.04 -11.90
CA ASP A 617 18.31 -5.66 -11.31
C ASP A 617 18.24 -5.72 -9.79
N ALA A 618 17.08 -5.39 -9.24
CA ALA A 618 16.91 -5.30 -7.80
C ALA A 618 16.41 -6.60 -7.19
N GLY A 619 16.38 -7.66 -8.00
CA GLY A 619 15.93 -8.96 -7.54
C GLY A 619 14.48 -8.96 -7.11
N ILE A 620 13.71 -8.02 -7.65
CA ILE A 620 12.29 -7.94 -7.36
C ILE A 620 11.48 -8.58 -8.47
N ARG A 621 10.77 -9.66 -8.14
CA ARG A 621 9.93 -10.34 -9.11
C ARG A 621 8.69 -9.51 -9.39
N VAL A 622 8.28 -9.46 -10.65
CA VAL A 622 7.09 -8.73 -11.03
C VAL A 622 6.04 -9.67 -11.62
N ILE A 623 4.85 -9.68 -11.02
CA ILE A 623 3.76 -10.52 -11.48
C ILE A 623 2.66 -9.66 -12.09
N MET A 624 2.24 -9.99 -13.30
CA MET A 624 1.16 -9.27 -13.96
C MET A 624 -0.18 -9.96 -13.74
N ILE A 625 -1.18 -9.15 -13.37
CA ILE A 625 -2.55 -9.64 -13.26
C ILE A 625 -3.42 -8.90 -14.26
N THR A 626 -4.03 -9.64 -15.19
CA THR A 626 -4.76 -9.02 -16.28
C THR A 626 -6.06 -9.73 -16.60
N GLY A 627 -6.90 -9.07 -17.40
CA GLY A 627 -8.15 -9.64 -17.85
C GLY A 627 -8.03 -10.24 -19.24
N ASP A 628 -6.89 -10.03 -19.88
CA ASP A 628 -6.61 -10.61 -21.19
C ASP A 628 -6.63 -12.13 -21.11
N ASN A 629 -6.85 -12.78 -22.25
CA ASN A 629 -6.71 -14.23 -22.31
C ASN A 629 -5.24 -14.60 -22.13
N LYS A 630 -4.99 -15.85 -21.74
CA LYS A 630 -3.65 -16.32 -21.42
C LYS A 630 -2.64 -16.04 -22.54
N GLY A 631 -3.06 -16.24 -23.78
CA GLY A 631 -2.20 -16.02 -24.93
C GLY A 631 -1.73 -14.58 -25.04
N THR A 632 -2.67 -13.65 -24.97
CA THR A 632 -2.36 -12.22 -25.07
C THR A 632 -1.61 -11.74 -23.83
N ALA A 633 -2.01 -12.26 -22.68
CA ALA A 633 -1.36 -11.94 -21.41
C ALA A 633 0.13 -12.23 -21.48
N ILE A 634 0.48 -13.44 -21.90
CA ILE A 634 1.87 -13.85 -22.07
C ILE A 634 2.59 -12.96 -23.08
N ALA A 635 1.89 -12.62 -24.16
CA ALA A 635 2.47 -11.78 -25.21
C ALA A 635 2.81 -10.38 -24.70
N ILE A 636 1.95 -9.84 -23.85
CA ILE A 636 2.17 -8.51 -23.29
C ILE A 636 3.34 -8.53 -22.31
N CYS A 637 3.47 -9.62 -21.56
CA CYS A 637 4.60 -9.79 -20.65
C CYS A 637 5.93 -9.78 -21.41
N ARG A 638 5.97 -10.50 -22.52
CA ARG A 638 7.16 -10.52 -23.37
C ARG A 638 7.48 -9.12 -23.90
N ARG A 639 6.44 -8.36 -24.18
CA ARG A 639 6.59 -7.02 -24.73
C ARG A 639 7.18 -6.04 -23.72
N ILE A 640 6.76 -6.15 -22.47
CA ILE A 640 7.17 -5.21 -21.44
C ILE A 640 8.44 -5.68 -20.71
N GLY A 641 8.88 -6.90 -21.00
CA GLY A 641 10.15 -7.37 -20.47
C GLY A 641 10.05 -8.30 -19.27
N ILE A 642 8.83 -8.65 -18.87
CA ILE A 642 8.64 -9.61 -17.79
C ILE A 642 9.16 -10.97 -18.23
N PHE A 643 8.70 -11.42 -19.40
CA PHE A 643 9.18 -12.66 -20.00
C PHE A 643 10.18 -12.36 -21.10
N GLY A 644 11.14 -13.26 -21.27
CA GLY A 644 12.04 -13.19 -22.41
C GLY A 644 11.25 -13.44 -23.67
N GLU A 645 11.64 -12.79 -24.76
CA GLU A 645 10.89 -12.89 -26.01
C GLU A 645 10.79 -14.32 -26.53
N ASN A 646 11.76 -15.15 -26.14
CA ASN A 646 11.79 -16.54 -26.60
C ASN A 646 12.05 -17.55 -25.47
N GLU A 647 11.57 -17.25 -24.28
CA GLU A 647 11.76 -18.17 -23.15
C GLU A 647 10.49 -18.97 -22.87
N GLU A 648 10.65 -20.12 -22.23
CA GLU A 648 9.51 -20.97 -21.89
C GLU A 648 8.77 -20.44 -20.68
N VAL A 649 7.44 -20.41 -20.78
CA VAL A 649 6.60 -19.84 -19.73
C VAL A 649 5.40 -20.73 -19.43
N ALA A 650 5.49 -22.00 -19.81
CA ALA A 650 4.39 -22.95 -19.62
C ALA A 650 4.04 -23.12 -18.15
N ASP A 651 5.02 -22.93 -17.28
CA ASP A 651 4.82 -23.10 -15.85
C ASP A 651 4.99 -21.78 -15.10
N ARG A 652 4.89 -20.67 -15.82
CA ARG A 652 5.08 -19.35 -15.22
C ARG A 652 3.91 -18.42 -15.55
N ALA A 653 2.89 -18.96 -16.20
CA ALA A 653 1.69 -18.20 -16.54
C ALA A 653 0.46 -19.08 -16.41
N TYR A 654 -0.53 -18.59 -15.66
CA TYR A 654 -1.74 -19.37 -15.41
C TYR A 654 -3.01 -18.53 -15.54
N THR A 655 -4.10 -19.19 -15.93
CA THR A 655 -5.41 -18.57 -15.88
C THR A 655 -6.05 -18.87 -14.52
N GLY A 656 -7.17 -18.20 -14.24
CA GLY A 656 -7.89 -18.44 -13.02
C GLY A 656 -8.40 -19.87 -12.95
N ARG A 657 -8.93 -20.36 -14.06
CA ARG A 657 -9.45 -21.73 -14.15
C ARG A 657 -8.34 -22.76 -13.95
N GLU A 658 -7.20 -22.54 -14.61
CA GLU A 658 -6.05 -23.41 -14.48
C GLU A 658 -5.56 -23.46 -13.03
N PHE A 659 -5.59 -22.30 -12.38
CA PHE A 659 -5.13 -22.18 -11.00
C PHE A 659 -6.06 -22.93 -10.04
N ASP A 660 -7.35 -22.91 -10.32
CA ASP A 660 -8.33 -23.61 -9.51
C ASP A 660 -8.20 -25.13 -9.66
N ASP A 661 -7.85 -25.56 -10.87
CA ASP A 661 -7.75 -26.99 -11.18
C ASP A 661 -6.52 -27.63 -10.55
N LEU A 662 -5.64 -26.81 -10.01
CA LEU A 662 -4.46 -27.32 -9.31
C LEU A 662 -4.78 -27.62 -7.85
N PRO A 663 -4.16 -28.67 -7.30
CA PRO A 663 -4.28 -28.93 -5.86
C PRO A 663 -3.55 -27.87 -5.05
N LEU A 664 -3.85 -27.79 -3.75
CA LEU A 664 -3.29 -26.73 -2.89
C LEU A 664 -1.77 -26.75 -2.85
N ALA A 665 -1.18 -27.92 -3.04
CA ALA A 665 0.27 -28.07 -3.01
C ALA A 665 0.91 -27.48 -4.26
N GLU A 666 0.28 -27.72 -5.41
CA GLU A 666 0.81 -27.24 -6.69
C GLU A 666 0.48 -25.77 -6.90
N GLN A 667 -0.50 -25.26 -6.15
CA GLN A 667 -0.86 -23.85 -6.21
C GLN A 667 0.19 -22.99 -5.54
N ARG A 668 0.61 -23.41 -4.34
CA ARG A 668 1.67 -22.74 -3.60
C ARG A 668 2.96 -22.72 -4.40
N GLU A 669 3.23 -23.84 -5.08
CA GLU A 669 4.43 -23.96 -5.90
C GLU A 669 4.36 -23.05 -7.13
N ALA A 670 3.18 -22.93 -7.71
CA ALA A 670 3.00 -22.12 -8.90
C ALA A 670 3.29 -20.64 -8.64
N CYS A 671 2.93 -20.17 -7.45
CA CYS A 671 3.07 -18.75 -7.12
C CYS A 671 4.52 -18.32 -6.92
N ARG A 672 5.40 -19.27 -6.61
CA ARG A 672 6.80 -18.94 -6.37
C ARG A 672 7.57 -18.78 -7.67
N ARG A 673 6.94 -19.11 -8.78
CA ARG A 673 7.60 -19.06 -10.08
C ARG A 673 6.78 -18.36 -11.16
N ALA A 674 5.52 -18.06 -10.86
CA ALA A 674 4.65 -17.41 -11.84
C ALA A 674 4.95 -15.91 -11.94
N CYS A 675 4.65 -15.35 -13.10
CA CYS A 675 4.81 -13.91 -13.33
C CYS A 675 3.65 -13.35 -14.12
N CYS A 676 2.64 -14.17 -14.35
CA CYS A 676 1.51 -13.77 -15.19
C CYS A 676 0.23 -14.52 -14.82
N PHE A 677 -0.76 -13.78 -14.34
CA PHE A 677 -2.08 -14.35 -14.04
C PHE A 677 -3.17 -13.68 -14.87
N ALA A 678 -3.86 -14.48 -15.67
CA ALA A 678 -4.92 -13.97 -16.53
C ALA A 678 -6.28 -14.53 -16.11
N ARG A 679 -7.34 -13.78 -16.37
CA ARG A 679 -8.70 -14.20 -16.06
C ARG A 679 -8.83 -14.68 -14.61
N VAL A 680 -8.30 -13.89 -13.68
CA VAL A 680 -8.26 -14.26 -12.27
C VAL A 680 -9.64 -14.21 -11.61
N GLU A 681 -9.93 -15.22 -10.79
CA GLU A 681 -11.18 -15.27 -10.03
C GLU A 681 -11.06 -14.41 -8.76
N PRO A 682 -12.19 -13.88 -8.27
CA PRO A 682 -12.23 -12.90 -7.17
C PRO A 682 -11.39 -13.26 -5.93
N SER A 683 -11.31 -14.54 -5.58
CA SER A 683 -10.63 -14.94 -4.35
C SER A 683 -9.13 -15.16 -4.54
N HIS A 684 -8.66 -15.03 -5.77
CA HIS A 684 -7.29 -15.43 -6.10
C HIS A 684 -6.21 -14.45 -5.63
N LYS A 685 -6.52 -13.16 -5.62
CA LYS A 685 -5.54 -12.16 -5.21
C LYS A 685 -5.08 -12.40 -3.77
N SER A 686 -6.02 -12.69 -2.88
CA SER A 686 -5.70 -13.00 -1.50
C SER A 686 -4.93 -14.31 -1.39
N LYS A 687 -5.36 -15.30 -2.17
CA LYS A 687 -4.71 -16.61 -2.17
C LYS A 687 -3.26 -16.52 -2.64
N ILE A 688 -3.04 -15.74 -3.69
CA ILE A 688 -1.68 -15.55 -4.22
C ILE A 688 -0.78 -14.92 -3.16
N VAL A 689 -1.29 -13.89 -2.50
CA VAL A 689 -0.55 -13.21 -1.44
C VAL A 689 -0.15 -14.19 -0.33
N GLU A 690 -1.10 -15.01 0.11
CA GLU A 690 -0.84 -16.02 1.13
C GLU A 690 0.28 -16.96 0.72
N TYR A 691 0.21 -17.46 -0.50
CA TYR A 691 1.21 -18.37 -1.03
C TYR A 691 2.57 -17.69 -1.13
N LEU A 692 2.58 -16.44 -1.55
CA LEU A 692 3.81 -15.67 -1.61
C LEU A 692 4.37 -15.44 -0.21
N GLN A 693 3.48 -15.25 0.75
CA GLN A 693 3.88 -15.06 2.14
C GLN A 693 4.37 -16.36 2.77
N SER A 694 3.92 -17.48 2.21
CA SER A 694 4.35 -18.79 2.70
C SER A 694 5.81 -19.06 2.30
N TYR A 695 6.32 -18.26 1.37
CA TYR A 695 7.72 -18.29 1.00
C TYR A 695 8.45 -17.09 1.58
N ASP A 696 7.81 -16.43 2.55
CA ASP A 696 8.37 -15.28 3.24
C ASP A 696 8.71 -14.14 2.29
N GLU A 697 7.90 -13.97 1.25
CA GLU A 697 8.08 -12.87 0.31
C GLU A 697 7.35 -11.63 0.79
N ILE A 698 8.06 -10.50 0.81
CA ILE A 698 7.43 -9.21 1.11
C ILE A 698 6.63 -8.77 -0.11
N THR A 699 5.33 -8.99 -0.08
CA THR A 699 4.50 -8.87 -1.26
C THR A 699 3.79 -7.52 -1.39
N ALA A 700 3.94 -6.90 -2.56
CA ALA A 700 3.15 -5.73 -2.92
C ALA A 700 2.00 -6.15 -3.83
N MET A 701 0.85 -5.53 -3.66
CA MET A 701 -0.35 -5.90 -4.41
C MET A 701 -1.19 -4.69 -4.76
N THR A 702 -1.71 -4.66 -5.99
CA THR A 702 -2.54 -3.55 -6.45
C THR A 702 -4.02 -3.92 -6.47
N GLY A 703 -4.88 -2.90 -6.36
CA GLY A 703 -6.31 -3.07 -6.39
C GLY A 703 -6.99 -1.71 -6.34
N ASP A 704 -8.30 -1.68 -6.55
CA ASP A 704 -9.02 -0.41 -6.58
C ASP A 704 -10.47 -0.51 -6.11
N GLY A 705 -10.92 -1.72 -5.80
CA GLY A 705 -12.28 -1.92 -5.36
C GLY A 705 -12.37 -2.60 -4.00
N VAL A 706 -13.59 -2.69 -3.47
CA VAL A 706 -13.84 -3.39 -2.21
C VAL A 706 -13.51 -4.88 -2.40
N ASN A 707 -13.66 -5.36 -3.62
CA ASN A 707 -13.31 -6.74 -3.95
C ASN A 707 -11.84 -7.05 -3.67
N ASP A 708 -10.98 -6.07 -3.86
CA ASP A 708 -9.54 -6.26 -3.67
C ASP A 708 -9.09 -5.87 -2.27
N ALA A 709 -10.01 -5.33 -1.49
CA ALA A 709 -9.69 -4.83 -0.14
C ALA A 709 -9.03 -5.87 0.77
N PRO A 710 -9.57 -7.10 0.85
CA PRO A 710 -8.90 -8.05 1.74
C PRO A 710 -7.49 -8.40 1.27
N ALA A 711 -7.28 -8.42 -0.04
CA ALA A 711 -5.97 -8.71 -0.61
C ALA A 711 -4.99 -7.58 -0.33
N LEU A 712 -5.48 -6.34 -0.41
CA LEU A 712 -4.66 -5.17 -0.13
C LEU A 712 -4.25 -5.13 1.34
N LYS A 713 -5.17 -5.53 2.21
CA LYS A 713 -4.90 -5.55 3.64
C LYS A 713 -3.95 -6.69 4.02
N LYS A 714 -4.06 -7.80 3.30
CA LYS A 714 -3.25 -8.98 3.59
C LYS A 714 -1.81 -8.80 3.15
N ALA A 715 -1.61 -8.29 1.94
CA ALA A 715 -0.27 -8.05 1.41
C ALA A 715 0.49 -7.07 2.29
N GLU A 716 1.81 -7.24 2.36
CA GLU A 716 2.66 -6.37 3.17
C GLU A 716 2.53 -4.92 2.73
N ILE A 717 2.44 -4.71 1.42
CA ILE A 717 2.22 -3.38 0.87
C ILE A 717 1.05 -3.37 -0.11
N GLY A 718 -0.15 -3.15 0.40
CA GLY A 718 -1.31 -2.99 -0.46
C GLY A 718 -1.20 -1.67 -1.20
N ILE A 719 -1.41 -1.71 -2.50
CA ILE A 719 -1.26 -0.51 -3.33
C ILE A 719 -2.57 -0.14 -4.01
N ALA A 720 -3.01 1.10 -3.77
CA ALA A 720 -4.27 1.57 -4.34
C ALA A 720 -4.03 2.63 -5.40
N MET A 721 -4.98 2.76 -6.31
CA MET A 721 -4.91 3.77 -7.36
C MET A 721 -5.45 5.10 -6.86
N GLY A 722 -4.86 6.19 -7.32
CA GLY A 722 -5.33 7.53 -6.97
C GLY A 722 -6.74 7.74 -7.46
N SER A 723 -7.06 7.10 -8.58
CA SER A 723 -8.40 7.16 -9.15
C SER A 723 -9.28 6.06 -8.57
N GLY A 724 -8.75 5.34 -7.58
CA GLY A 724 -9.45 4.23 -6.98
C GLY A 724 -10.49 4.65 -5.97
N THR A 725 -11.17 3.66 -5.39
CA THR A 725 -12.23 3.92 -4.42
C THR A 725 -11.66 4.27 -3.04
N ALA A 726 -12.48 4.91 -2.22
CA ALA A 726 -12.05 5.36 -0.90
C ALA A 726 -11.70 4.21 0.04
N VAL A 727 -12.47 3.12 -0.06
CA VAL A 727 -12.23 1.95 0.78
C VAL A 727 -10.92 1.26 0.42
N ALA A 728 -10.68 1.10 -0.87
CA ALA A 728 -9.43 0.50 -1.35
C ALA A 728 -8.23 1.29 -0.87
N LYS A 729 -8.34 2.62 -0.94
CA LYS A 729 -7.27 3.50 -0.50
C LYS A 729 -6.98 3.32 0.99
N THR A 730 -8.05 3.33 1.80
CA THR A 730 -7.91 3.17 3.24
C THR A 730 -7.42 1.77 3.61
N ALA A 731 -7.62 0.82 2.71
CA ALA A 731 -7.20 -0.56 2.95
C ALA A 731 -5.78 -0.81 2.46
N SER A 732 -5.14 0.25 1.96
CA SER A 732 -3.81 0.12 1.37
C SER A 732 -2.74 0.84 2.18
N GLU A 733 -1.48 0.56 1.86
CA GLU A 733 -0.36 1.22 2.52
C GLU A 733 0.15 2.41 1.70
N MET A 734 -0.08 2.35 0.39
CA MET A 734 0.38 3.41 -0.50
C MET A 734 -0.61 3.65 -1.63
N VAL A 735 -0.76 4.92 -2.01
CA VAL A 735 -1.66 5.30 -3.10
C VAL A 735 -0.89 5.89 -4.27
N LEU A 736 -1.09 5.32 -5.46
CA LEU A 736 -0.47 5.84 -6.66
C LEU A 736 -1.27 7.00 -7.22
N ALA A 737 -0.76 8.21 -7.04
CA ALA A 737 -1.47 9.42 -7.49
C ALA A 737 -1.64 9.43 -9.00
N ASP A 738 -0.72 8.81 -9.71
CA ASP A 738 -0.75 8.79 -11.17
C ASP A 738 -1.08 7.40 -11.71
N ASP A 739 -1.43 6.49 -10.80
CA ASP A 739 -1.80 5.11 -11.16
C ASP A 739 -0.70 4.37 -11.91
N ASN A 740 0.50 4.92 -11.90
CA ASN A 740 1.60 4.38 -12.70
C ASN A 740 2.39 3.30 -11.96
N PHE A 741 2.69 2.21 -12.65
CA PHE A 741 3.49 1.14 -12.09
C PHE A 741 4.90 1.63 -11.75
N SER A 742 5.38 2.58 -12.53
CA SER A 742 6.71 3.13 -12.34
C SER A 742 6.83 3.85 -11.00
N THR A 743 5.69 4.35 -10.51
CA THR A 743 5.65 5.01 -9.21
C THR A 743 5.98 4.02 -8.10
N ILE A 744 5.54 2.78 -8.27
CA ILE A 744 5.81 1.72 -7.29
C ILE A 744 7.30 1.45 -7.16
N VAL A 745 7.95 1.24 -8.30
CA VAL A 745 9.39 0.96 -8.34
C VAL A 745 10.19 2.11 -7.76
N ALA A 746 9.81 3.34 -8.12
CA ALA A 746 10.45 4.54 -7.60
C ALA A 746 10.30 4.62 -6.09
N ALA A 747 9.15 4.16 -5.60
CA ALA A 747 8.87 4.16 -4.18
C ALA A 747 9.73 3.13 -3.44
N VAL A 748 9.93 1.97 -4.06
CA VAL A 748 10.74 0.92 -3.47
C VAL A 748 12.20 1.35 -3.36
N GLU A 749 12.72 1.95 -4.42
CA GLU A 749 14.09 2.46 -4.41
C GLU A 749 14.25 3.51 -3.31
N GLU A 750 13.30 4.42 -3.22
CA GLU A 750 13.29 5.43 -2.17
C GLU A 750 13.19 4.76 -0.81
N GLY A 751 12.44 3.67 -0.75
CA GLY A 751 12.29 2.90 0.47
C GLY A 751 13.59 2.27 0.93
N ARG A 752 14.42 1.88 -0.03
CA ARG A 752 15.72 1.30 0.27
C ARG A 752 16.71 2.35 0.75
N ALA A 753 16.69 3.51 0.11
CA ALA A 753 17.60 4.60 0.45
C ALA A 753 17.37 5.10 1.87
N ILE A 754 16.11 5.18 2.26
CA ILE A 754 15.73 5.65 3.59
C ILE A 754 16.19 4.69 4.68
N TYR A 755 15.93 3.40 4.49
CA TYR A 755 16.27 2.42 5.51
C TYR A 755 17.78 2.28 5.71
N ASN A 756 18.55 2.46 4.64
CA ASN A 756 20.00 2.43 4.74
C ASN A 756 20.48 3.57 5.64
N ASN A 757 19.90 4.75 5.46
CA ASN A 757 20.21 5.87 6.33
C ASN A 757 19.58 5.66 7.71
N MET A 758 18.47 4.93 7.75
CA MET A 758 17.84 4.60 9.02
C MET A 758 18.72 3.65 9.81
N LYS A 759 19.35 2.69 9.13
CA LYS A 759 20.30 1.80 9.76
C LYS A 759 21.42 2.57 10.46
N GLN A 760 21.79 3.70 9.88
CA GLN A 760 22.90 4.47 10.40
C GLN A 760 22.58 5.18 11.72
N PHE A 761 21.53 5.99 11.75
CA PHE A 761 21.26 6.74 12.98
C PHE A 761 20.64 5.85 14.05
N ILE A 762 20.14 4.68 13.66
CA ILE A 762 19.71 3.69 14.64
C ILE A 762 20.94 3.13 15.33
N ARG A 763 21.91 2.68 14.55
CA ARG A 763 23.14 2.13 15.10
C ARG A 763 23.96 3.19 15.81
N TYR A 764 23.85 4.43 15.34
CA TYR A 764 24.57 5.55 15.94
C TYR A 764 24.07 5.85 17.36
N LEU A 765 22.75 5.94 17.51
CA LEU A 765 22.15 6.25 18.80
C LEU A 765 22.33 5.12 19.80
N ILE A 766 22.06 3.89 19.38
CA ILE A 766 22.20 2.74 20.25
C ILE A 766 23.66 2.57 20.68
N SER A 767 24.58 2.88 19.78
CA SER A 767 26.01 2.85 20.10
C SER A 767 26.35 3.79 21.25
N SER A 768 25.68 4.95 21.26
CA SER A 768 25.88 5.92 22.34
C SER A 768 25.37 5.38 23.66
N ASN A 769 24.20 4.76 23.63
CA ASN A 769 23.61 4.18 24.83
C ASN A 769 24.46 3.07 25.40
N VAL A 770 25.17 2.35 24.52
CA VAL A 770 26.09 1.31 24.95
C VAL A 770 27.22 1.91 25.78
N GLY A 771 27.83 2.98 25.26
CA GLY A 771 28.90 3.67 25.95
C GLY A 771 28.46 4.29 27.25
N GLU A 772 27.23 4.82 27.27
CA GLU A 772 26.69 5.43 28.47
C GLU A 772 26.51 4.41 29.59
N VAL A 773 25.99 3.25 29.25
CA VAL A 773 25.77 2.18 30.22
C VAL A 773 27.09 1.73 30.85
N VAL A 774 28.11 1.58 30.03
CA VAL A 774 29.44 1.21 30.52
C VAL A 774 29.95 2.26 31.52
N CYS A 775 29.72 3.53 31.20
CA CYS A 775 30.08 4.62 32.09
C CYS A 775 29.37 4.49 33.44
N ILE A 776 28.08 4.18 33.40
CA ILE A 776 27.30 3.99 34.61
C ILE A 776 27.74 2.73 35.34
N PHE A 777 28.11 1.70 34.58
CA PHE A 777 28.59 0.45 35.18
C PHE A 777 29.94 0.64 35.84
N LEU A 778 30.86 1.30 35.14
CA LEU A 778 32.19 1.57 35.67
C LEU A 778 32.12 2.42 36.93
N THR A 779 31.28 3.45 36.90
CA THR A 779 31.15 4.36 38.03
C THR A 779 30.45 3.67 39.20
N ALA A 780 29.85 2.52 38.93
CA ALA A 780 29.20 1.73 39.97
C ALA A 780 30.10 0.58 40.43
N ALA A 781 30.83 0.01 39.48
CA ALA A 781 31.75 -1.09 39.78
C ALA A 781 32.92 -0.61 40.61
N LEU A 782 33.54 0.48 40.18
CA LEU A 782 34.70 1.02 40.87
C LEU A 782 34.29 1.78 42.14
N GLY A 783 33.00 2.11 42.23
CA GLY A 783 32.50 2.85 43.37
C GLY A 783 32.83 4.33 43.27
N LEU A 784 32.90 4.83 42.04
CA LEU A 784 33.24 6.23 41.80
C LEU A 784 32.03 7.13 41.89
N PRO A 785 32.25 8.43 42.16
CA PRO A 785 31.16 9.41 42.12
C PRO A 785 30.54 9.47 40.72
N GLU A 786 29.24 9.74 40.65
CA GLU A 786 28.52 9.75 39.37
C GLU A 786 29.11 10.77 38.40
N ALA A 787 29.59 10.26 37.26
CA ALA A 787 30.16 11.12 36.23
C ALA A 787 29.06 11.73 35.37
N LEU A 788 27.99 10.97 35.15
CA LEU A 788 26.86 11.43 34.36
C LEU A 788 25.55 11.16 35.08
N ILE A 789 24.67 12.16 35.06
CA ILE A 789 23.38 12.05 35.74
C ILE A 789 22.25 11.97 34.71
N PRO A 790 21.11 11.35 35.09
CA PRO A 790 19.95 11.17 34.22
C PRO A 790 19.54 12.42 33.43
N VAL A 791 19.56 13.57 34.08
CA VAL A 791 19.18 14.83 33.43
C VAL A 791 20.09 15.15 32.25
N GLN A 792 21.38 14.91 32.43
CA GLN A 792 22.36 15.14 31.37
C GLN A 792 22.20 14.15 30.23
N LEU A 793 22.08 12.86 30.59
CA LEU A 793 21.96 11.80 29.60
C LEU A 793 20.71 12.00 28.72
N LEU A 794 19.65 12.51 29.32
CA LEU A 794 18.41 12.77 28.59
C LEU A 794 18.58 13.87 27.56
N TRP A 795 19.27 14.94 27.94
CA TRP A 795 19.54 16.04 27.02
C TRP A 795 20.36 15.55 25.83
N VAL A 796 21.29 14.63 26.10
CA VAL A 796 22.11 14.04 25.05
C VAL A 796 21.26 13.20 24.10
N ASN A 797 20.54 12.24 24.66
CA ASN A 797 19.76 11.30 23.86
C ASN A 797 18.59 11.94 23.12
N LEU A 798 18.10 13.06 23.62
CA LEU A 798 16.96 13.74 23.00
C LEU A 798 17.39 14.87 22.06
N VAL A 799 18.38 15.66 22.50
CA VAL A 799 18.79 16.83 21.74
C VAL A 799 20.18 16.69 21.12
N THR A 800 21.20 16.58 21.96
CA THR A 800 22.58 16.59 21.52
C THR A 800 22.88 15.52 20.47
N ASP A 801 22.32 14.32 20.65
CA ASP A 801 22.51 13.24 19.69
C ASP A 801 21.34 13.11 18.72
N GLY A 802 20.25 13.81 19.02
CA GLY A 802 19.08 13.78 18.16
C GLY A 802 19.33 14.48 16.84
N LEU A 803 20.00 15.63 16.90
CA LEU A 803 20.30 16.42 15.71
C LEU A 803 21.23 15.72 14.72
N PRO A 804 22.34 15.12 15.19
CA PRO A 804 23.16 14.40 14.20
C PRO A 804 22.44 13.17 13.65
N ALA A 805 21.66 12.50 14.49
CA ALA A 805 20.91 11.33 14.09
C ALA A 805 19.96 11.68 12.94
N THR A 806 19.20 12.75 13.13
CA THR A 806 18.27 13.23 12.11
C THR A 806 19.00 13.55 10.82
N ALA A 807 20.18 14.16 10.94
CA ALA A 807 20.98 14.53 9.77
C ALA A 807 21.51 13.29 9.04
N LEU A 808 21.73 12.22 9.79
CA LEU A 808 22.21 10.97 9.22
C LEU A 808 21.16 10.30 8.33
N GLY A 809 19.92 10.79 8.43
CA GLY A 809 18.84 10.31 7.59
C GLY A 809 18.89 10.96 6.22
N PHE A 810 19.79 11.91 6.06
CA PHE A 810 19.96 12.62 4.80
C PHE A 810 21.24 12.22 4.10
N ASN A 811 21.82 11.11 4.54
CA ASN A 811 23.02 10.56 3.91
C ASN A 811 22.74 10.19 2.46
N PRO A 812 23.65 10.57 1.56
CA PRO A 812 23.49 10.27 0.13
C PRO A 812 23.41 8.77 -0.13
N PRO A 813 22.41 8.34 -0.90
CA PRO A 813 22.17 6.92 -1.17
C PRO A 813 23.25 6.33 -2.06
N ASP A 814 23.49 5.03 -1.91
CA ASP A 814 24.48 4.33 -2.74
C ASP A 814 24.03 4.33 -4.20
N LEU A 815 24.98 4.21 -5.11
CA LEU A 815 24.68 4.22 -6.54
C LEU A 815 24.15 2.86 -7.00
N ASP A 816 24.44 1.83 -6.21
CA ASP A 816 24.01 0.47 -6.55
C ASP A 816 22.83 0.02 -5.69
N ILE A 817 21.96 0.97 -5.34
CA ILE A 817 20.77 0.67 -4.54
C ILE A 817 19.92 -0.41 -5.20
N MET A 818 19.60 -0.21 -6.47
CA MET A 818 18.71 -1.13 -7.17
C MET A 818 19.48 -2.19 -7.96
N ASP A 819 20.78 -2.28 -7.71
CA ASP A 819 21.60 -3.32 -8.30
C ASP A 819 21.87 -4.42 -7.28
N ARG A 820 21.09 -4.44 -6.22
CA ARG A 820 21.23 -5.41 -5.15
C ARG A 820 19.90 -6.10 -4.86
N PRO A 821 19.95 -7.36 -4.39
CA PRO A 821 18.72 -8.09 -4.04
C PRO A 821 17.97 -7.46 -2.87
N PRO A 822 16.69 -7.79 -2.71
CA PRO A 822 15.92 -7.24 -1.58
C PRO A 822 16.50 -7.68 -0.24
N ARG A 823 16.51 -6.77 0.73
CA ARG A 823 17.03 -7.08 2.06
C ARG A 823 16.17 -8.12 2.76
N SER A 824 16.82 -9.10 3.39
CA SER A 824 16.10 -10.08 4.19
C SER A 824 15.51 -9.41 5.42
N PRO A 825 14.24 -9.69 5.71
CA PRO A 825 13.56 -9.11 6.88
C PRO A 825 14.28 -9.49 8.17
N LYS A 826 14.89 -10.68 8.18
CA LYS A 826 15.54 -11.19 9.36
C LYS A 826 16.95 -10.66 9.54
N GLU A 827 17.39 -9.81 8.62
CA GLU A 827 18.74 -9.23 8.69
C GLU A 827 18.86 -8.30 9.89
N PRO A 828 19.69 -8.70 10.87
CA PRO A 828 19.87 -7.89 12.09
C PRO A 828 20.60 -6.59 11.80
N LEU A 829 20.32 -5.57 12.61
CA LEU A 829 20.95 -4.26 12.44
C LEU A 829 22.40 -4.29 12.88
N ILE A 830 22.68 -4.96 13.99
CA ILE A 830 24.04 -5.07 14.50
C ILE A 830 24.39 -6.52 14.85
N SER A 831 25.45 -7.02 14.23
CA SER A 831 25.91 -8.38 14.49
C SER A 831 27.34 -8.59 14.00
N GLY A 832 27.93 -9.73 14.37
CA GLY A 832 29.26 -10.09 13.91
C GLY A 832 30.34 -9.10 14.30
N TRP A 833 31.14 -8.70 13.31
CA TRP A 833 32.24 -7.77 13.53
C TRP A 833 31.75 -6.38 13.95
N LEU A 834 30.58 -6.02 13.45
CA LEU A 834 29.97 -4.73 13.79
C LEU A 834 29.56 -4.71 15.26
N PHE A 835 29.11 -5.86 15.75
CA PHE A 835 28.78 -6.01 17.17
C PHE A 835 30.03 -5.77 18.01
N PHE A 836 31.16 -6.27 17.53
CA PHE A 836 32.44 -6.09 18.21
C PHE A 836 32.90 -4.65 18.18
N ARG A 837 32.68 -3.98 17.04
CA ARG A 837 33.08 -2.58 16.88
C ARG A 837 32.42 -1.69 17.92
N TYR A 838 31.10 -1.80 18.03
CA TYR A 838 30.35 -1.01 18.99
C TYR A 838 30.58 -1.51 20.42
N MET A 839 30.97 -2.78 20.53
CA MET A 839 31.38 -3.34 21.81
C MET A 839 32.65 -2.66 22.28
N ALA A 840 33.50 -2.30 21.31
CA ALA A 840 34.75 -1.62 21.59
C ALA A 840 34.52 -0.12 21.78
N ILE A 841 33.76 0.49 20.87
CA ILE A 841 33.44 1.91 20.95
C ILE A 841 32.75 2.23 22.27
N GLY A 842 31.78 1.41 22.65
CA GLY A 842 31.07 1.58 23.90
C GLY A 842 31.99 1.50 25.11
N GLY A 843 32.93 0.55 25.05
CA GLY A 843 33.92 0.40 26.10
C GLY A 843 34.85 1.61 26.16
N TYR A 844 35.12 2.18 25.00
CA TYR A 844 35.95 3.37 24.92
C TYR A 844 35.23 4.58 25.51
N VAL A 845 33.98 4.77 25.11
CA VAL A 845 33.17 5.88 25.60
C VAL A 845 32.96 5.79 27.11
N GLY A 846 32.67 4.59 27.59
CA GLY A 846 32.45 4.35 29.01
C GLY A 846 33.68 4.68 29.84
N ALA A 847 34.86 4.41 29.29
CA ALA A 847 36.11 4.68 29.99
C ALA A 847 36.50 6.15 29.87
N ALA A 848 36.25 6.74 28.71
CA ALA A 848 36.61 8.13 28.46
C ALA A 848 35.82 9.09 29.33
N THR A 849 34.51 8.87 29.41
CA THR A 849 33.64 9.73 30.22
C THR A 849 33.94 9.60 31.70
N VAL A 850 34.10 8.36 32.16
CA VAL A 850 34.46 8.09 33.54
C VAL A 850 35.86 8.65 33.84
N GLY A 851 36.78 8.41 32.92
CA GLY A 851 38.15 8.88 33.05
C GLY A 851 38.26 10.39 33.10
N ALA A 852 37.39 11.06 32.34
CA ALA A 852 37.39 12.52 32.28
C ALA A 852 36.95 13.13 33.62
N ALA A 853 36.00 12.46 34.27
CA ALA A 853 35.54 12.90 35.58
C ALA A 853 36.59 12.60 36.64
N ALA A 854 37.21 11.43 36.53
CA ALA A 854 38.26 11.02 37.46
C ALA A 854 39.50 11.90 37.32
N TRP A 855 39.74 12.38 36.11
CA TRP A 855 40.87 13.24 35.83
C TRP A 855 40.79 14.57 36.57
N TRP A 856 39.57 15.07 36.72
CA TRP A 856 39.36 16.35 37.40
C TRP A 856 39.59 16.24 38.90
N PHE A 857 39.16 15.12 39.48
CA PHE A 857 39.33 14.89 40.91
C PHE A 857 40.80 14.72 41.29
N MET A 858 41.63 14.36 40.31
CA MET A 858 43.02 14.05 40.59
C MET A 858 44.00 15.01 39.91
N TYR A 859 44.36 14.70 38.67
CA TYR A 859 45.44 15.40 37.98
C TYR A 859 45.02 16.74 37.37
N ALA A 860 44.08 17.43 38.00
CA ALA A 860 43.64 18.72 37.51
C ALA A 860 44.04 19.84 38.47
N GLU A 861 44.39 20.99 37.91
CA GLU A 861 44.81 22.14 38.71
C GLU A 861 43.63 22.71 39.49
N ASP A 862 42.47 22.80 38.85
CA ASP A 862 41.28 23.32 39.49
C ASP A 862 40.70 22.31 40.49
N GLY A 863 41.11 21.06 40.35
CA GLY A 863 40.65 20.00 41.23
C GLY A 863 41.62 19.72 42.35
N PRO A 864 41.19 18.93 43.34
CA PRO A 864 41.99 18.57 44.51
C PRO A 864 43.07 17.54 44.19
N GLY A 865 43.94 17.27 45.17
CA GLY A 865 44.97 16.26 45.01
C GLY A 865 44.50 14.91 45.53
N VAL A 866 43.23 14.62 45.30
CA VAL A 866 42.61 13.38 45.77
C VAL A 866 43.17 12.16 45.04
N THR A 867 43.57 11.16 45.79
CA THR A 867 44.10 9.93 45.21
C THR A 867 42.97 8.98 44.83
N TYR A 868 43.31 7.89 44.15
CA TYR A 868 42.31 6.93 43.70
C TYR A 868 41.69 6.14 44.86
N HIS A 869 42.51 5.83 45.86
CA HIS A 869 42.07 5.01 46.98
C HIS A 869 40.94 5.66 47.78
N GLN A 870 40.94 6.99 47.81
CA GLN A 870 39.92 7.72 48.56
C GLN A 870 38.75 8.13 47.68
N LEU A 871 38.98 8.22 46.37
CA LEU A 871 37.93 8.58 45.43
C LEU A 871 36.90 7.45 45.34
N THR A 872 37.35 6.22 45.55
CA THR A 872 36.46 5.06 45.52
C THR A 872 35.72 4.90 46.85
N HIS A 873 36.22 5.56 47.88
CA HIS A 873 35.59 5.52 49.20
C HIS A 873 35.06 6.90 49.59
N PHE A 874 34.54 7.62 48.59
CA PHE A 874 34.11 9.00 48.79
C PHE A 874 32.90 9.12 49.71
N MET A 875 32.16 8.03 49.89
CA MET A 875 30.99 8.03 50.76
C MET A 875 31.37 7.90 52.23
N GLN A 876 32.66 7.69 52.48
CA GLN A 876 33.14 7.53 53.85
C GLN A 876 33.90 8.76 54.33
N CYS A 877 33.95 9.79 53.48
CA CYS A 877 34.71 11.00 53.79
C CYS A 877 34.02 11.86 54.84
N THR A 878 32.70 11.80 54.86
CA THR A 878 31.92 12.58 55.82
C THR A 878 32.05 12.04 57.24
N GLU A 879 32.40 10.76 57.33
CA GLU A 879 32.56 10.11 58.63
C GLU A 879 34.04 9.93 58.97
N ASP A 880 34.71 9.05 58.24
CA ASP A 880 36.12 8.79 58.46
C ASP A 880 36.98 9.93 57.89
N HIS A 881 36.90 11.09 58.54
CA HIS A 881 37.63 12.27 58.10
C HIS A 881 39.16 12.14 58.12
N PRO A 882 39.74 11.57 59.20
CA PRO A 882 41.22 11.50 59.21
C PRO A 882 41.81 10.64 58.10
N HIS A 883 41.06 9.64 57.63
CA HIS A 883 41.52 8.81 56.52
C HIS A 883 41.67 9.65 55.26
N PHE A 884 40.74 10.57 55.05
CA PHE A 884 40.74 11.42 53.87
C PHE A 884 40.78 12.89 54.26
N GLU A 885 41.71 13.24 55.14
CA GLU A 885 41.84 14.62 55.60
C GLU A 885 42.34 15.52 54.48
N GLY A 886 41.75 16.71 54.37
CA GLY A 886 42.11 17.66 53.34
C GLY A 886 41.06 18.73 53.16
N LEU A 887 40.31 18.62 52.06
CA LEU A 887 39.27 19.61 51.74
C LEU A 887 37.88 19.14 52.17
N ASP A 888 36.87 19.80 51.64
CA ASP A 888 35.48 19.51 51.99
C ASP A 888 35.00 18.21 51.33
N CYS A 889 33.99 17.60 51.94
CA CYS A 889 33.42 16.36 51.41
C CYS A 889 32.44 16.64 50.28
N GLU A 890 32.03 17.90 50.16
CA GLU A 890 31.03 18.30 49.16
C GLU A 890 31.68 18.45 47.78
N ILE A 891 33.00 18.35 47.73
CA ILE A 891 33.73 18.46 46.47
C ILE A 891 33.52 17.21 45.63
N PHE A 892 32.99 16.16 46.24
CA PHE A 892 32.70 14.92 45.53
C PHE A 892 31.38 15.02 44.77
N GLU A 893 30.71 16.17 44.92
CA GLU A 893 29.46 16.44 44.21
C GLU A 893 29.62 17.66 43.31
N ALA A 894 30.86 17.98 42.98
CA ALA A 894 31.18 19.14 42.17
C ALA A 894 30.60 19.01 40.76
N PRO A 895 30.21 20.15 40.15
CA PRO A 895 29.64 20.17 38.80
C PRO A 895 30.70 20.06 37.70
N GLU A 896 31.93 20.46 38.01
CA GLU A 896 33.02 20.44 37.03
C GLU A 896 33.35 19.03 36.48
N PRO A 897 33.49 18.02 37.35
CA PRO A 897 33.84 16.70 36.78
C PRO A 897 32.73 16.10 35.92
N MET A 898 31.48 16.42 36.24
CA MET A 898 30.36 15.95 35.43
C MET A 898 30.34 16.65 34.07
N THR A 899 30.69 17.93 34.07
CA THR A 899 30.76 18.69 32.83
C THR A 899 31.87 18.12 31.94
N MET A 900 32.97 17.72 32.57
CA MET A 900 34.07 17.08 31.86
C MET A 900 33.61 15.77 31.23
N ALA A 901 32.86 14.99 31.98
CA ALA A 901 32.31 13.74 31.49
C ALA A 901 31.33 13.99 30.35
N LEU A 902 30.42 14.94 30.57
CA LEU A 902 29.39 15.26 29.58
C LEU A 902 29.99 15.80 28.29
N SER A 903 30.90 16.77 28.42
CA SER A 903 31.55 17.37 27.27
C SER A 903 32.30 16.31 26.46
N VAL A 904 32.91 15.36 27.15
CA VAL A 904 33.58 14.25 26.49
C VAL A 904 32.57 13.37 25.77
N LEU A 905 31.47 13.05 26.45
CA LEU A 905 30.39 12.28 25.85
C LEU A 905 29.86 12.97 24.59
N VAL A 906 29.58 14.27 24.71
CA VAL A 906 29.08 15.05 23.60
C VAL A 906 30.05 15.06 22.42
N THR A 907 31.31 15.36 22.71
CA THR A 907 32.34 15.46 21.67
C THR A 907 32.55 14.13 20.95
N ILE A 908 32.63 13.04 21.71
CA ILE A 908 32.80 11.71 21.13
C ILE A 908 31.64 11.37 20.20
N GLU A 909 30.42 11.66 20.64
CA GLU A 909 29.24 11.36 19.85
C GLU A 909 29.16 12.23 18.59
N MET A 910 29.78 13.40 18.64
CA MET A 910 29.90 14.24 17.45
C MET A 910 30.88 13.60 16.47
N CYS A 911 31.93 12.99 17.01
CA CYS A 911 32.90 12.26 16.20
C CYS A 911 32.31 10.97 15.69
N ASN A 912 31.60 10.26 16.56
CA ASN A 912 30.99 8.98 16.21
C ASN A 912 29.88 9.17 15.17
N ALA A 913 29.32 10.37 15.13
CA ALA A 913 28.33 10.72 14.11
C ALA A 913 28.99 10.72 12.74
N LEU A 914 30.21 11.24 12.68
CA LEU A 914 30.99 11.24 11.44
C LEU A 914 31.41 9.82 11.09
N ASN A 915 31.64 9.00 12.12
CA ASN A 915 31.99 7.61 11.92
C ASN A 915 30.79 6.80 11.40
N SER A 916 29.61 7.39 11.47
CA SER A 916 28.38 6.72 11.06
C SER A 916 27.96 7.11 9.65
N LEU A 917 28.79 7.90 8.97
CA LEU A 917 28.52 8.29 7.58
C LEU A 917 28.57 7.08 6.67
N SER A 918 29.51 6.18 6.94
CA SER A 918 29.62 4.93 6.20
C SER A 918 29.94 3.80 7.17
N GLU A 919 29.45 2.61 6.87
CA GLU A 919 29.66 1.46 7.74
C GLU A 919 31.12 1.02 7.76
N ASN A 920 31.74 0.98 6.58
CA ASN A 920 33.11 0.48 6.48
C ASN A 920 34.08 1.45 5.80
N GLN A 921 33.56 2.30 4.92
CA GLN A 921 34.42 3.23 4.18
C GLN A 921 35.00 4.30 5.10
N SER A 922 36.33 4.45 5.04
CA SER A 922 37.04 5.41 5.88
C SER A 922 36.64 6.85 5.56
N LEU A 923 36.96 7.76 6.48
CA LEU A 923 36.66 9.17 6.28
C LEU A 923 37.59 9.77 5.22
N MET A 924 38.70 9.10 4.98
CA MET A 924 39.63 9.54 3.94
C MET A 924 39.05 9.25 2.56
N ARG A 925 38.26 8.18 2.48
CA ARG A 925 37.58 7.81 1.23
C ARG A 925 36.27 8.57 1.10
N MET A 926 35.46 8.54 2.15
CA MET A 926 34.21 9.28 2.19
C MET A 926 34.27 10.37 3.24
N PRO A 927 34.64 11.59 2.84
CA PRO A 927 34.85 12.75 3.72
C PRO A 927 33.62 13.13 4.52
N PRO A 928 33.82 13.84 5.64
CA PRO A 928 32.72 14.34 6.48
C PRO A 928 31.80 15.32 5.75
N TRP A 929 32.32 16.02 4.75
CA TRP A 929 31.53 17.02 4.04
C TRP A 929 30.72 16.43 2.90
N VAL A 930 30.69 15.10 2.83
CA VAL A 930 29.79 14.41 1.90
C VAL A 930 28.35 14.68 2.32
N ASN A 931 28.16 14.79 3.64
CA ASN A 931 26.88 15.20 4.20
C ASN A 931 27.01 16.59 4.83
N ILE A 932 26.47 17.60 4.16
CA ILE A 932 26.54 18.97 4.65
C ILE A 932 25.60 19.17 5.82
N TRP A 933 24.45 18.50 5.78
CA TRP A 933 23.46 18.58 6.84
C TRP A 933 24.02 18.08 8.17
N LEU A 934 24.87 17.06 8.09
CA LEU A 934 25.48 16.48 9.30
C LEU A 934 26.39 17.47 10.00
N LEU A 935 27.25 18.13 9.22
CA LEU A 935 28.18 19.12 9.76
C LEU A 935 27.42 20.26 10.43
N GLY A 936 26.33 20.68 9.81
CA GLY A 936 25.50 21.74 10.35
C GLY A 936 24.85 21.36 11.67
N SER A 937 24.44 20.09 11.77
CA SER A 937 23.81 19.59 12.99
C SER A 937 24.79 19.57 14.16
N ILE A 938 26.03 19.19 13.87
CA ILE A 938 27.07 19.11 14.89
C ILE A 938 27.37 20.50 15.46
N CYS A 939 27.40 21.50 14.58
CA CYS A 939 27.63 22.88 15.00
C CYS A 939 26.50 23.36 15.91
N LEU A 940 25.27 22.94 15.60
CA LEU A 940 24.11 23.30 16.41
C LEU A 940 24.14 22.60 17.76
N SER A 941 24.51 21.32 17.75
CA SER A 941 24.59 20.52 18.96
C SER A 941 25.57 21.11 19.96
N MET A 942 26.71 21.56 19.46
CA MET A 942 27.73 22.16 20.32
C MET A 942 27.28 23.52 20.83
N SER A 943 26.58 24.27 19.97
CA SER A 943 26.04 25.57 20.35
C SER A 943 25.01 25.41 21.45
N LEU A 944 24.33 24.27 21.46
CA LEU A 944 23.36 23.96 22.50
C LEU A 944 24.06 23.42 23.75
N HIS A 945 25.24 22.83 23.55
CA HIS A 945 26.04 22.37 24.67
C HIS A 945 26.55 23.56 25.46
N PHE A 946 27.05 24.57 24.76
CA PHE A 946 27.51 25.80 25.40
C PHE A 946 26.34 26.61 25.94
N LEU A 947 25.16 26.39 25.37
CA LEU A 947 23.95 27.05 25.83
C LEU A 947 23.64 26.66 27.27
N ILE A 948 23.76 25.37 27.55
CA ILE A 948 23.48 24.86 28.90
C ILE A 948 24.71 24.93 29.79
N LEU A 949 25.73 25.67 29.35
CA LEU A 949 26.95 25.84 30.12
C LEU A 949 27.14 27.28 30.58
N TYR A 950 26.42 28.21 29.95
CA TYR A 950 26.62 29.63 30.23
C TYR A 950 25.34 30.36 30.62
N VAL A 951 24.24 30.07 29.93
CA VAL A 951 22.97 30.71 30.24
C VAL A 951 22.48 30.28 31.62
N ASP A 952 22.74 31.15 32.61
CA ASP A 952 22.63 30.84 34.05
C ASP A 952 21.53 29.88 34.52
N PRO A 953 20.28 30.02 34.02
CA PRO A 953 19.27 29.06 34.52
C PRO A 953 19.56 27.61 34.13
N LEU A 954 20.39 27.39 33.12
CA LEU A 954 20.62 26.05 32.57
C LEU A 954 21.71 25.21 33.26
N PRO A 955 22.90 25.79 33.53
CA PRO A 955 23.92 24.91 34.14
C PRO A 955 23.57 24.47 35.56
N MET A 956 22.67 25.17 36.22
CA MET A 956 22.21 24.76 37.54
C MET A 956 21.37 23.50 37.45
N ILE A 957 20.50 23.47 36.44
CA ILE A 957 19.60 22.33 36.21
C ILE A 957 20.37 21.07 35.85
N PHE A 958 21.30 21.19 34.90
CA PHE A 958 22.08 20.04 34.44
C PHE A 958 23.29 19.79 35.32
N LYS A 959 23.45 20.61 36.36
CA LYS A 959 24.60 20.54 37.26
C LYS A 959 25.91 20.63 36.48
N LEU A 960 26.11 21.76 35.81
CA LEU A 960 27.28 21.95 34.96
C LEU A 960 28.02 23.25 35.26
N LYS A 961 29.29 23.29 34.87
CA LYS A 961 30.11 24.50 35.01
C LYS A 961 30.99 24.67 33.79
N ALA A 962 31.10 25.90 33.30
CA ALA A 962 31.88 26.20 32.10
C ALA A 962 33.33 25.76 32.25
N LEU A 963 33.82 25.02 31.25
CA LEU A 963 35.17 24.47 31.29
C LEU A 963 36.23 25.51 30.90
N ASP A 964 37.40 25.37 31.49
CA ASP A 964 38.55 26.20 31.14
C ASP A 964 39.10 25.75 29.80
N LEU A 965 39.88 26.62 29.15
CA LEU A 965 40.49 26.29 27.87
C LEU A 965 41.38 25.07 27.98
N THR A 966 42.06 24.94 29.12
CA THR A 966 42.90 23.79 29.40
C THR A 966 42.05 22.53 29.57
N GLN A 967 40.93 22.68 30.26
CA GLN A 967 40.02 21.56 30.50
C GLN A 967 39.35 21.10 29.20
N TRP A 968 39.00 22.05 28.35
CA TRP A 968 38.42 21.72 27.05
C TRP A 968 39.41 20.99 26.16
N LEU A 969 40.68 21.34 26.30
CA LEU A 969 41.74 20.67 25.56
C LEU A 969 41.83 19.21 25.97
N MET A 970 41.70 18.95 27.26
CA MET A 970 41.73 17.59 27.79
C MET A 970 40.57 16.76 27.23
N VAL A 971 39.42 17.42 27.05
CA VAL A 971 38.26 16.78 26.46
C VAL A 971 38.57 16.30 25.05
N LEU A 972 39.21 17.16 24.26
CA LEU A 972 39.56 16.83 22.89
C LEU A 972 40.68 15.80 22.84
N LYS A 973 41.53 15.78 23.86
CA LYS A 973 42.64 14.84 23.94
C LYS A 973 42.15 13.40 24.09
N ILE A 974 40.98 13.23 24.69
CA ILE A 974 40.47 11.91 25.03
C ILE A 974 39.30 11.51 24.13
N SER A 975 38.68 12.50 23.49
CA SER A 975 37.53 12.24 22.62
C SER A 975 37.95 11.92 21.19
N LEU A 976 38.66 12.85 20.58
CA LEU A 976 39.06 12.76 19.17
C LEU A 976 39.66 11.42 18.70
N PRO A 977 40.51 10.78 19.52
CA PRO A 977 41.05 9.50 19.01
C PRO A 977 40.04 8.37 18.86
N VAL A 978 38.75 8.65 19.07
CA VAL A 978 37.72 7.63 18.83
C VAL A 978 37.56 7.42 17.32
N ILE A 979 37.90 8.44 16.55
CA ILE A 979 37.85 8.35 15.10
C ILE A 979 38.92 7.39 14.60
N GLY A 980 40.10 7.48 15.20
CA GLY A 980 41.20 6.61 14.86
C GLY A 980 40.90 5.16 15.18
N LEU A 981 40.24 4.92 16.31
CA LEU A 981 39.86 3.58 16.73
C LEU A 981 38.92 2.92 15.73
N ASP A 982 37.87 3.65 15.37
CA ASP A 982 36.88 3.13 14.42
C ASP A 982 37.49 2.97 13.04
N GLU A 983 38.41 3.88 12.70
CA GLU A 983 39.08 3.84 11.41
C GLU A 983 39.88 2.55 11.26
N ILE A 984 40.54 2.14 12.34
CA ILE A 984 41.27 0.88 12.36
C ILE A 984 40.31 -0.30 12.21
N LEU A 985 39.22 -0.26 12.96
CA LEU A 985 38.21 -1.31 12.91
C LEU A 985 37.57 -1.41 11.53
N LYS A 986 37.40 -0.26 10.89
CA LYS A 986 36.90 -0.22 9.51
C LYS A 986 37.93 -0.83 8.56
N PHE A 987 39.21 -0.54 8.83
CA PHE A 987 40.29 -1.05 8.00
C PHE A 987 40.38 -2.57 8.08
N ILE A 988 40.17 -3.10 9.28
CA ILE A 988 40.17 -4.54 9.48
C ILE A 988 39.01 -5.18 8.74
N ALA A 989 37.89 -4.48 8.71
CA ALA A 989 36.68 -4.98 8.06
C ALA A 989 36.82 -5.01 6.54
N ARG A 990 37.54 -4.02 6.00
CA ARG A 990 37.67 -3.89 4.55
C ARG A 990 38.69 -4.84 3.93
N ASN A 991 39.69 -5.23 4.72
CA ASN A 991 40.82 -5.97 4.17
C ASN A 991 41.01 -7.39 4.69
N TYR A 992 40.24 -7.76 5.72
CA TYR A 992 40.40 -9.09 6.31
C TYR A 992 39.06 -9.78 6.58
N LEU A 993 38.00 -9.30 5.96
CA LEU A 993 36.68 -9.90 6.13
C LEU A 993 35.87 -9.91 4.84
N GLU A 994 36.23 -9.04 3.90
CA GLU A 994 35.52 -8.96 2.63
C GLU A 994 35.83 -10.16 1.74
N GLY A 995 35.12 -11.25 1.97
CA GLY A 995 35.31 -12.47 1.21
C GLY A 995 34.15 -12.79 0.30
#